data_7Z2C
#
_entry.id   7Z2C
#
_cell.length_a   1.00
_cell.length_b   1.00
_cell.length_c   1.00
_cell.angle_alpha   90.00
_cell.angle_beta   90.00
_cell.angle_gamma   90.00
#
_symmetry.space_group_name_H-M   'P 1'
#
loop_
_entity.id
_entity.type
_entity.pdbx_description
1 polymer 'Kinesin-like protein'
2 polymer 'Detyrosinated tubulin alpha-1B chain'
3 polymer 'Tubulin beta chain'
4 non-polymer "GUANOSINE-5'-TRIPHOSPHATE"
5 non-polymer 'MAGNESIUM ION'
6 non-polymer 'PHOSPHOMETHYLPHOSPHONIC ACID GUANYLATE ESTER'
#
loop_
_entity_poly.entity_id
_entity_poly.type
_entity_poly.pdbx_seq_one_letter_code
_entity_poly.pdbx_strand_id
1 'polypeptide(L)'
;DITYNMNVVIRCRPMSISEKNDGAKNVIKILENKMVVLLDPSDNSDNVLRQNRSREKKYVFDYVFDENSSQEDVYNNSVK
CLIDAVIKGYNSTVFAYGATGAGKTHTIIGYKNEPGIMMMILKDLFERIKMLQIMNEYKVKCSFIEIYNENICDLLNPSN
EYLDVREDPIKGVTVSNIFEVCTTSVEEIMELIHTGNRNRTQEPTDANKTSSRSHGVLQVIVEETEKGQGVYQQTKRGKL
CVIDLAGSERASQTNNKGMRMLEGANINRSLLALGNVINALVLRSKGNSKSNFIPFRDSKLTRLLKDSLGGNCKTVMIAN
ISPSHLSYEDTHNTLKYANRAKNIKNV
;
K
2 'polypeptide(L)'
;MRECISIHVGQAGVQIGNACWELYCLEHGIQPDGQMPDSFNTFFSETGAGKHVPRAVFVDLEPTVIDEVRTGTYRQLFHP
EQLITGKEDAANNYARGHYTIGKEIIDLVLDRIRKLADQCTGLQGFLVFHSFGGGTGSGFTSLLMERLSVDYGKKSKLEF
SIYPAPQVSTAVVEPYNSILTTHTTLEHSDCAFMVDNEAIYDICRRNLDIERPTYTNLNRLISQIVSSITASLRFDGALN
VDLTEFQTNLVPYPRIHFPLATYAPVISAEKAYHEQLSVAEITNACFEPANQMVKCDPRHGKYMACCLLYRGDVVPKDVN
AAIATIKTKRSIQFVDWCPTGFKVGINYQPPTVVPGGDLAKVQRAVCMLSNTTAIAEAWARLDHKFDLMYAKRAFVHWYV
GEGMEEGEFSEAREDMAALEKDYEEVGV
;
A
3 'polypeptide(L)'
;MREIVHIQAGQCGNQIGAKFWEVISDEHGIDPTGSYHGDSDLQLERINVYYNEAAGNKYVPRAILVDLEPGTMDSVRSGP
FGQIFRPDNFVFGQSGAGNNWAKGHYTEGAELVDSVLDVVRKESESCDCLQGFQLTHSLGGGTGSGMGTLLISKIREEYP
DRIMNTFSVVPSPKVSDTVVEPYNATLSVHQLVENTDETYCIDNEALYDICFRTLKLTTPTYGDLNHLVSATMSGVTTCL
RFPGQLNADLRKLAVNMVPFPRLHFFMPGFAPLTSRGSQQYRALTVPELTQQMFDAKNMMAACDPRHGRYLTVAAVFRGR
MSMKEVDEQMLNVQNKNSSYFVEWIPNNVKTAVCDIPPRGLKMSATFIGNSTAIQELFKRISEQFTAMFRRKAFLHWYTG
EGMDEMEFTEAESNMNDLVSEYQQYQ
;
H
#
loop_
_chem_comp.id
_chem_comp.type
_chem_comp.name
_chem_comp.formula
G2P non-polymer 'PHOSPHOMETHYLPHOSPHONIC ACID GUANYLATE ESTER' 'C11 H18 N5 O13 P3'
GTP non-polymer GUANOSINE-5'-TRIPHOSPHATE 'C10 H16 N5 O14 P3'
MG non-polymer 'MAGNESIUM ION' 'Mg 2'
#
# COMPACT_ATOMS: atom_id res chain seq x y z
N ASP A 1 14.54 -26.65 15.53
CA ASP A 1 14.99 -27.74 14.68
C ASP A 1 13.95 -27.98 13.60
N ILE A 2 13.88 -27.08 12.63
CA ILE A 2 12.89 -27.23 11.56
C ILE A 2 13.38 -28.22 10.52
N THR A 3 12.63 -29.30 10.39
CA THR A 3 12.95 -30.39 9.50
C THR A 3 11.74 -30.61 8.60
N TYR A 4 11.03 -29.52 8.40
CA TYR A 4 9.79 -29.47 7.64
C TYR A 4 9.85 -30.18 6.31
N ASN A 5 8.87 -31.04 6.10
CA ASN A 5 8.75 -31.83 4.89
C ASN A 5 7.39 -31.63 4.27
N MET A 6 7.36 -31.08 3.06
CA MET A 6 6.09 -30.87 2.39
C MET A 6 6.12 -31.37 0.98
N ASN A 7 5.19 -32.24 0.66
CA ASN A 7 5.06 -32.74 -0.68
C ASN A 7 4.07 -31.82 -1.37
N VAL A 8 4.22 -31.61 -2.67
CA VAL A 8 3.27 -30.76 -3.36
C VAL A 8 2.68 -31.49 -4.56
N VAL A 9 1.37 -31.61 -4.57
CA VAL A 9 0.71 -32.31 -5.63
C VAL A 9 -0.40 -31.47 -6.17
N ILE A 10 -0.89 -31.85 -7.33
CA ILE A 10 -1.99 -31.09 -7.87
C ILE A 10 -2.92 -31.95 -8.67
N ARG A 11 -4.21 -31.66 -8.58
CA ARG A 11 -5.21 -32.41 -9.33
C ARG A 11 -5.82 -31.58 -10.44
N CYS A 12 -5.65 -32.06 -11.66
CA CYS A 12 -6.25 -31.43 -12.81
C CYS A 12 -7.64 -31.98 -12.97
N ARG A 13 -8.65 -31.14 -12.93
CA ARG A 13 -9.98 -31.67 -13.06
C ARG A 13 -10.16 -32.01 -14.52
N PRO A 14 -11.02 -32.97 -14.88
CA PRO A 14 -11.33 -33.25 -16.25
C PRO A 14 -12.09 -32.08 -16.79
N MET A 15 -11.87 -31.78 -18.06
CA MET A 15 -12.62 -30.67 -18.62
C MET A 15 -14.11 -31.01 -18.55
N SER A 16 -14.89 -30.08 -18.03
CA SER A 16 -16.31 -30.30 -17.87
C SER A 16 -17.05 -30.16 -19.17
N ILE A 17 -18.29 -30.66 -19.20
CA ILE A 17 -19.10 -30.51 -20.40
C ILE A 17 -19.37 -29.05 -20.67
N SER A 18 -19.52 -28.24 -19.62
CA SER A 18 -19.79 -26.83 -19.83
C SER A 18 -18.58 -26.18 -20.49
N GLU A 19 -17.38 -26.54 -20.01
CA GLU A 19 -16.18 -25.96 -20.60
C GLU A 19 -16.04 -26.39 -22.06
N LYS A 20 -16.38 -27.63 -22.36
CA LYS A 20 -16.29 -28.09 -23.75
C LYS A 20 -17.30 -27.34 -24.61
N ASN A 21 -18.52 -27.13 -24.08
CA ASN A 21 -19.58 -26.46 -24.82
C ASN A 21 -19.24 -24.99 -25.07
N ASP A 22 -18.46 -24.41 -24.18
CA ASP A 22 -18.03 -23.03 -24.29
C ASP A 22 -16.76 -22.87 -25.15
N GLY A 23 -16.27 -23.99 -25.73
CA GLY A 23 -15.11 -23.94 -26.60
C GLY A 23 -13.76 -23.97 -25.89
N ALA A 24 -13.72 -24.48 -24.67
CA ALA A 24 -12.47 -24.51 -23.93
C ALA A 24 -11.37 -25.28 -24.62
N LYS A 25 -10.18 -24.69 -24.60
CA LYS A 25 -8.98 -25.33 -25.13
C LYS A 25 -8.17 -25.91 -23.98
N ASN A 26 -7.37 -26.93 -24.28
CA ASN A 26 -6.57 -27.58 -23.26
C ASN A 26 -5.26 -26.88 -22.93
N VAL A 27 -5.32 -25.94 -21.98
CA VAL A 27 -4.10 -25.26 -21.57
C VAL A 27 -3.24 -26.17 -20.71
N ILE A 28 -3.84 -27.14 -20.04
CA ILE A 28 -3.00 -28.01 -19.22
C ILE A 28 -2.53 -29.32 -19.84
N LYS A 29 -1.21 -29.50 -19.81
CA LYS A 29 -0.62 -30.76 -20.22
C LYS A 29 0.34 -31.22 -19.13
N ILE A 30 0.38 -32.53 -18.89
CA ILE A 30 1.29 -33.07 -17.89
C ILE A 30 2.45 -33.73 -18.61
N LEU A 31 3.68 -33.31 -18.33
CA LEU A 31 4.81 -33.87 -19.06
C LEU A 31 5.37 -35.05 -18.30
N GLU A 32 5.29 -34.96 -16.97
CA GLU A 32 5.83 -35.97 -16.07
C GLU A 32 5.11 -35.86 -14.75
N ASN A 33 5.34 -36.81 -13.85
CA ASN A 33 4.73 -36.72 -12.54
C ASN A 33 5.21 -35.46 -11.84
N LYS A 34 6.48 -35.13 -12.07
CA LYS A 34 7.09 -33.95 -11.49
C LYS A 34 6.67 -32.61 -12.13
N MET A 35 6.00 -32.63 -13.29
CA MET A 35 5.76 -31.32 -13.88
C MET A 35 4.54 -31.17 -14.76
N VAL A 36 4.07 -29.93 -14.73
CA VAL A 36 2.91 -29.53 -15.48
C VAL A 36 3.22 -28.30 -16.30
N VAL A 37 2.69 -28.28 -17.50
CA VAL A 37 2.84 -27.15 -18.40
C VAL A 37 1.52 -26.49 -18.66
N LEU A 38 1.50 -25.18 -18.49
CA LEU A 38 0.29 -24.45 -18.75
C LEU A 38 0.53 -23.66 -20.03
N LEU A 39 -0.24 -23.96 -21.05
CA LEU A 39 -0.04 -23.39 -22.36
C LEU A 39 -0.70 -22.04 -22.52
N ASP A 40 0.02 -21.01 -22.09
CA ASP A 40 -0.51 -19.66 -22.12
C ASP A 40 -0.87 -19.33 -23.56
N PRO A 41 -2.18 -19.20 -23.90
CA PRO A 41 -2.72 -19.09 -25.24
C PRO A 41 -2.49 -17.73 -25.92
N SER A 42 -1.23 -17.36 -26.05
CA SER A 42 -0.84 -16.13 -26.72
C SER A 42 -1.09 -16.24 -28.21
N ASP A 43 -1.47 -15.12 -28.82
CA ASP A 43 -1.64 -15.07 -30.26
C ASP A 43 -0.29 -15.18 -30.99
N ASN A 44 0.81 -14.87 -30.29
CA ASN A 44 2.15 -14.92 -30.87
C ASN A 44 2.28 -14.22 -32.23
N SER A 45 1.80 -12.98 -32.32
CA SER A 45 1.85 -12.25 -33.58
C SER A 45 3.15 -11.51 -33.84
N ASP A 46 3.94 -11.35 -32.79
CA ASP A 46 5.18 -10.59 -32.90
C ASP A 46 6.35 -11.54 -33.03
N ASN A 47 7.41 -11.11 -33.70
CA ASN A 47 8.58 -11.97 -33.81
C ASN A 47 9.14 -12.31 -32.45
N VAL A 48 9.10 -11.35 -31.53
CA VAL A 48 9.63 -11.57 -30.20
C VAL A 48 8.89 -12.68 -29.48
N LEU A 49 7.57 -12.66 -29.58
CA LEU A 49 6.76 -13.66 -28.92
C LEU A 49 7.00 -15.04 -29.54
N ARG A 50 7.17 -15.06 -30.85
CA ARG A 50 7.39 -16.31 -31.57
C ARG A 50 8.75 -16.90 -31.21
N GLN A 51 9.72 -16.02 -30.95
CA GLN A 51 11.06 -16.44 -30.52
C GLN A 51 11.06 -16.89 -29.06
N ASN A 52 10.38 -16.14 -28.18
CA ASN A 52 10.36 -16.45 -26.75
C ASN A 52 9.54 -17.69 -26.40
N ARG A 53 8.42 -17.89 -27.10
CA ARG A 53 7.54 -19.03 -26.89
C ARG A 53 7.13 -19.18 -25.43
N SER A 54 6.60 -18.08 -24.88
CA SER A 54 6.20 -17.96 -23.47
C SER A 54 5.01 -18.86 -23.11
N ARG A 55 4.40 -19.44 -24.14
CA ARG A 55 3.31 -20.38 -24.00
C ARG A 55 3.68 -21.53 -23.06
N GLU A 56 4.91 -22.03 -23.14
CA GLU A 56 5.26 -23.19 -22.31
C GLU A 56 5.62 -22.83 -20.88
N LYS A 57 4.61 -22.56 -20.05
CA LYS A 57 4.90 -22.18 -18.68
C LYS A 57 4.99 -23.42 -17.80
N LYS A 58 6.17 -23.70 -17.27
CA LYS A 58 6.36 -24.91 -16.47
C LYS A 58 6.25 -24.66 -14.97
N TYR A 59 5.69 -25.64 -14.26
CA TYR A 59 5.63 -25.57 -12.79
C TYR A 59 6.12 -26.89 -12.15
N VAL A 60 6.76 -26.78 -10.98
CA VAL A 60 7.35 -27.94 -10.27
C VAL A 60 6.51 -28.54 -9.15
N PHE A 61 6.25 -29.83 -9.28
CA PHE A 61 5.45 -30.65 -8.36
C PHE A 61 6.13 -31.96 -8.03
N ASP A 62 5.67 -32.63 -6.97
CA ASP A 62 6.13 -33.98 -6.72
C ASP A 62 5.23 -34.94 -7.48
N TYR A 63 3.93 -34.62 -7.53
CA TYR A 63 3.04 -35.47 -8.32
C TYR A 63 1.84 -34.73 -8.86
N VAL A 64 1.85 -34.58 -10.17
CA VAL A 64 0.77 -33.96 -10.89
C VAL A 64 -0.19 -35.06 -11.29
N PHE A 65 -1.43 -34.94 -10.87
CA PHE A 65 -2.46 -35.89 -11.18
C PHE A 65 -3.23 -35.37 -12.38
N ASP A 66 -3.47 -36.22 -13.37
CA ASP A 66 -4.15 -35.78 -14.59
C ASP A 66 -5.67 -35.77 -14.44
N GLU A 67 -6.35 -35.58 -15.57
CA GLU A 67 -7.81 -35.45 -15.67
C GLU A 67 -8.58 -36.70 -15.23
N ASN A 68 -7.92 -37.86 -15.19
CA ASN A 68 -8.62 -39.08 -14.85
C ASN A 68 -8.45 -39.46 -13.38
N SER A 69 -7.69 -38.65 -12.63
CA SER A 69 -7.44 -38.96 -11.24
C SER A 69 -8.67 -38.81 -10.35
N SER A 70 -8.87 -39.79 -9.47
CA SER A 70 -9.97 -39.82 -8.52
C SER A 70 -9.55 -39.49 -7.09
N GLN A 71 -10.53 -39.43 -6.20
CA GLN A 71 -10.30 -39.17 -4.78
C GLN A 71 -9.46 -40.30 -4.19
N GLU A 72 -9.70 -41.53 -4.65
CA GLU A 72 -8.93 -42.67 -4.16
C GLU A 72 -7.49 -42.60 -4.64
N ASP A 73 -7.28 -42.06 -5.85
CA ASP A 73 -5.93 -42.01 -6.39
C ASP A 73 -5.15 -40.91 -5.68
N VAL A 74 -5.82 -39.79 -5.40
CA VAL A 74 -5.11 -38.73 -4.72
C VAL A 74 -4.75 -39.25 -3.34
N TYR A 75 -5.68 -39.91 -2.66
CA TYR A 75 -5.33 -40.44 -1.37
C TYR A 75 -4.13 -41.38 -1.41
N ASN A 76 -4.20 -42.39 -2.29
CA ASN A 76 -3.20 -43.44 -2.36
C ASN A 76 -1.81 -42.95 -2.66
N ASN A 77 -1.71 -41.90 -3.46
CA ASN A 77 -0.41 -41.40 -3.86
C ASN A 77 0.00 -40.07 -3.22
N SER A 78 -0.64 -39.65 -2.12
CA SER A 78 -0.20 -38.39 -1.51
C SER A 78 -0.32 -38.40 0.02
N VAL A 79 -1.54 -38.28 0.54
CA VAL A 79 -1.74 -38.27 2.00
C VAL A 79 -1.55 -39.61 2.70
N LYS A 80 -1.66 -40.73 1.99
CA LYS A 80 -1.45 -42.02 2.64
C LYS A 80 -0.29 -42.00 3.70
N CYS A 81 0.96 -41.56 3.39
CA CYS A 81 2.07 -41.50 4.33
C CYS A 81 1.90 -40.46 5.46
N LEU A 82 1.01 -39.50 5.29
CA LEU A 82 0.78 -38.49 6.31
C LEU A 82 -0.09 -39.12 7.39
N ILE A 83 -0.96 -40.02 6.95
CA ILE A 83 -1.82 -40.72 7.89
C ILE A 83 -0.92 -41.61 8.71
N ASP A 84 0.01 -42.29 8.03
CA ASP A 84 0.98 -43.14 8.73
C ASP A 84 1.80 -42.35 9.74
N ALA A 85 2.20 -41.12 9.38
CA ALA A 85 2.99 -40.31 10.29
C ALA A 85 2.24 -40.08 11.60
N VAL A 86 0.95 -39.82 11.48
CA VAL A 86 0.13 -39.62 12.66
C VAL A 86 -0.03 -40.88 13.47
N ILE A 87 -0.25 -41.99 12.79
CA ILE A 87 -0.39 -43.27 13.47
C ILE A 87 0.88 -43.54 14.28
N LYS A 88 2.04 -43.20 13.71
CA LYS A 88 3.33 -43.39 14.35
C LYS A 88 3.70 -42.34 15.42
N GLY A 89 2.80 -41.39 15.71
CA GLY A 89 3.05 -40.40 16.75
C GLY A 89 3.58 -39.02 16.31
N TYR A 90 3.50 -38.73 15.01
CA TYR A 90 3.97 -37.44 14.50
C TYR A 90 2.78 -36.62 14.06
N ASN A 91 2.97 -35.34 13.78
CA ASN A 91 1.83 -34.60 13.27
C ASN A 91 1.92 -34.60 11.74
N SER A 92 0.80 -34.29 11.10
CA SER A 92 0.83 -34.13 9.66
C SER A 92 -0.20 -33.11 9.21
N THR A 93 0.03 -32.49 8.06
CA THR A 93 -0.94 -31.51 7.60
C THR A 93 -1.21 -31.48 6.10
N VAL A 94 -2.49 -31.47 5.75
CA VAL A 94 -2.93 -31.42 4.36
C VAL A 94 -3.60 -30.09 4.05
N PHE A 95 -3.18 -29.41 2.99
CA PHE A 95 -3.80 -28.14 2.61
C PHE A 95 -4.45 -28.19 1.24
N ALA A 96 -5.75 -27.92 1.16
CA ALA A 96 -6.44 -27.88 -0.12
C ALA A 96 -6.27 -26.50 -0.69
N TYR A 97 -5.89 -26.36 -1.96
CA TYR A 97 -5.69 -25.00 -2.47
C TYR A 97 -6.06 -24.71 -3.92
N GLY A 98 -6.63 -23.52 -4.12
CA GLY A 98 -6.91 -23.06 -5.45
C GLY A 98 -7.88 -21.90 -5.48
N ALA A 99 -8.07 -21.37 -6.68
CA ALA A 99 -9.03 -20.30 -6.87
C ALA A 99 -10.41 -20.80 -6.45
N THR A 100 -11.23 -19.94 -5.85
CA THR A 100 -12.53 -20.43 -5.45
C THR A 100 -13.23 -20.96 -6.71
N GLY A 101 -13.95 -22.06 -6.54
CA GLY A 101 -14.68 -22.71 -7.64
C GLY A 101 -13.90 -23.92 -8.19
N ALA A 102 -12.65 -24.06 -7.74
CA ALA A 102 -11.73 -25.14 -8.12
C ALA A 102 -12.14 -26.56 -7.68
N GLY A 103 -13.09 -26.71 -6.77
CA GLY A 103 -13.49 -28.06 -6.36
C GLY A 103 -12.67 -28.64 -5.21
N LYS A 104 -12.05 -27.75 -4.44
CA LYS A 104 -11.20 -28.08 -3.31
C LYS A 104 -11.96 -28.86 -2.25
N THR A 105 -13.16 -28.38 -1.93
CA THR A 105 -13.94 -29.02 -0.90
C THR A 105 -14.28 -30.43 -1.28
N HIS A 106 -14.71 -30.64 -2.51
CA HIS A 106 -15.14 -31.96 -2.92
C HIS A 106 -13.97 -32.93 -3.07
N THR A 107 -12.83 -32.45 -3.57
CA THR A 107 -11.68 -33.32 -3.72
C THR A 107 -11.19 -33.78 -2.34
N ILE A 108 -11.17 -32.85 -1.38
CA ILE A 108 -10.58 -33.14 -0.10
C ILE A 108 -11.55 -33.47 1.04
N ILE A 109 -12.57 -32.64 1.28
CA ILE A 109 -13.45 -32.84 2.43
C ILE A 109 -14.78 -33.53 2.14
N GLY A 110 -15.43 -33.12 1.07
CA GLY A 110 -16.74 -33.62 0.73
C GLY A 110 -17.79 -32.87 1.53
N TYR A 111 -19.05 -33.18 1.27
CA TYR A 111 -20.15 -32.56 2.00
C TYR A 111 -21.32 -33.50 1.86
N LYS A 112 -21.30 -34.58 2.64
CA LYS A 112 -22.21 -35.72 2.56
C LYS A 112 -21.92 -36.55 1.31
N ASN A 113 -21.94 -35.91 0.14
CA ASN A 113 -21.59 -36.54 -1.11
C ASN A 113 -20.09 -36.28 -1.34
N GLU A 114 -19.55 -36.92 -2.38
CA GLU A 114 -18.14 -36.78 -2.76
C GLU A 114 -17.21 -36.84 -1.53
N PRO A 115 -17.10 -38.01 -0.86
CA PRO A 115 -16.39 -38.23 0.40
C PRO A 115 -15.00 -37.55 0.50
N GLY A 116 -14.32 -37.40 -0.64
CA GLY A 116 -13.02 -36.74 -0.66
C GLY A 116 -11.93 -37.61 -0.10
N ILE A 117 -10.71 -37.09 -0.13
CA ILE A 117 -9.65 -37.90 0.43
C ILE A 117 -9.83 -37.96 1.94
N MET A 118 -10.50 -36.97 2.56
CA MET A 118 -10.73 -36.98 3.99
C MET A 118 -11.39 -38.29 4.40
N MET A 119 -12.40 -38.73 3.66
CA MET A 119 -12.96 -40.03 4.00
C MET A 119 -11.88 -41.09 3.92
N MET A 120 -11.09 -41.08 2.85
CA MET A 120 -10.03 -42.09 2.66
C MET A 120 -8.97 -42.03 3.76
N ILE A 121 -8.68 -40.81 4.22
CA ILE A 121 -7.71 -40.57 5.29
C ILE A 121 -8.17 -41.23 6.56
N LEU A 122 -9.41 -41.01 6.89
CA LEU A 122 -9.96 -41.59 8.08
C LEU A 122 -10.20 -43.08 7.91
N LYS A 123 -10.60 -43.51 6.72
CA LYS A 123 -10.90 -44.92 6.53
C LYS A 123 -9.65 -45.76 6.83
N ASP A 124 -8.50 -45.40 6.24
CA ASP A 124 -7.29 -46.14 6.58
C ASP A 124 -6.83 -45.89 8.00
N LEU A 125 -7.01 -44.66 8.50
CA LEU A 125 -6.61 -44.37 9.86
C LEU A 125 -7.26 -45.34 10.80
N PHE A 126 -8.58 -45.46 10.71
CA PHE A 126 -9.29 -46.31 11.63
C PHE A 126 -9.02 -47.79 11.40
N GLU A 127 -8.76 -48.23 10.18
CA GLU A 127 -8.47 -49.66 10.05
C GLU A 127 -7.12 -49.98 10.73
N ARG A 128 -6.13 -49.10 10.52
CA ARG A 128 -4.83 -49.34 11.11
C ARG A 128 -4.87 -49.16 12.60
N ILE A 129 -5.57 -48.13 13.06
CA ILE A 129 -5.68 -47.87 14.47
C ILE A 129 -6.46 -48.93 15.21
N LYS A 130 -7.59 -49.39 14.66
CA LYS A 130 -8.36 -50.41 15.33
C LYS A 130 -7.52 -51.66 15.50
N MET A 131 -6.67 -51.98 14.52
CA MET A 131 -5.80 -53.13 14.64
C MET A 131 -4.80 -52.89 15.79
N LEU A 132 -4.17 -51.73 15.81
CA LEU A 132 -3.16 -51.38 16.81
C LEU A 132 -3.73 -51.26 18.22
N GLN A 133 -5.02 -50.89 18.28
CA GLN A 133 -5.79 -50.70 19.51
C GLN A 133 -5.78 -51.94 20.38
N ILE A 134 -5.53 -53.11 19.79
CA ILE A 134 -5.47 -54.34 20.53
C ILE A 134 -4.45 -54.26 21.67
N MET A 135 -3.36 -53.50 21.47
CA MET A 135 -2.31 -53.35 22.47
C MET A 135 -2.24 -51.93 23.05
N ASN A 136 -2.52 -50.94 22.20
CA ASN A 136 -2.40 -49.54 22.61
C ASN A 136 -3.73 -48.83 22.49
N GLU A 137 -4.40 -48.57 23.58
CA GLU A 137 -5.74 -48.00 23.48
C GLU A 137 -5.69 -46.66 22.75
N TYR A 138 -6.59 -46.46 21.79
CA TYR A 138 -6.66 -45.21 21.07
C TYR A 138 -7.97 -44.47 21.30
N LYS A 139 -7.86 -43.15 21.29
CA LYS A 139 -8.97 -42.22 21.41
C LYS A 139 -8.92 -41.25 20.25
N VAL A 140 -9.61 -41.51 19.14
CA VAL A 140 -9.38 -40.57 18.07
C VAL A 140 -10.34 -39.42 18.15
N LYS A 141 -9.82 -38.32 18.64
CA LYS A 141 -10.65 -37.17 18.90
C LYS A 141 -10.80 -36.33 17.66
N CYS A 142 -11.93 -35.67 17.50
CA CYS A 142 -12.07 -34.78 16.37
C CYS A 142 -12.72 -33.45 16.65
N SER A 143 -12.05 -32.43 16.15
CA SER A 143 -12.52 -31.05 16.17
C SER A 143 -12.60 -30.50 14.75
N PHE A 144 -13.42 -29.48 14.57
CA PHE A 144 -13.59 -28.82 13.28
C PHE A 144 -13.88 -27.35 13.54
N ILE A 145 -12.98 -26.50 13.08
CA ILE A 145 -13.13 -25.08 13.32
C ILE A 145 -13.12 -24.28 12.02
N GLU A 146 -13.61 -23.05 12.11
CA GLU A 146 -13.61 -22.15 10.97
C GLU A 146 -12.73 -20.95 11.18
N ILE A 147 -11.74 -20.71 10.33
CA ILE A 147 -10.96 -19.50 10.56
C ILE A 147 -11.46 -18.43 9.60
N TYR A 148 -12.14 -17.43 10.17
CA TYR A 148 -12.89 -16.41 9.44
C TYR A 148 -12.61 -15.02 9.96
N ASN A 149 -12.05 -14.16 9.12
CA ASN A 149 -11.68 -12.80 9.54
C ASN A 149 -10.82 -12.86 10.83
N GLU A 150 -9.94 -13.87 10.89
CA GLU A 150 -9.05 -14.15 12.02
C GLU A 150 -9.76 -14.52 13.32
N ASN A 151 -11.05 -14.85 13.26
CA ASN A 151 -11.80 -15.32 14.41
C ASN A 151 -12.02 -16.83 14.21
N ILE A 152 -12.16 -17.62 15.29
CA ILE A 152 -12.36 -19.05 15.03
C ILE A 152 -13.72 -19.65 15.42
N CYS A 153 -14.50 -20.12 14.45
CA CYS A 153 -15.81 -20.67 14.81
C CYS A 153 -15.71 -22.11 15.20
N ASP A 154 -16.38 -22.51 16.26
CA ASP A 154 -16.40 -23.95 16.51
C ASP A 154 -17.45 -24.55 15.57
N LEU A 155 -17.04 -25.31 14.56
CA LEU A 155 -18.00 -25.83 13.58
C LEU A 155 -18.72 -27.05 14.09
N LEU A 156 -18.04 -27.84 14.92
CA LEU A 156 -18.74 -29.02 15.41
C LEU A 156 -19.75 -28.60 16.46
N ASN A 157 -19.44 -27.55 17.20
CA ASN A 157 -20.36 -27.05 18.20
C ASN A 157 -20.43 -25.51 18.21
N PRO A 158 -21.28 -24.91 17.36
CA PRO A 158 -21.37 -23.48 17.10
C PRO A 158 -21.78 -22.67 18.33
N SER A 159 -22.18 -23.32 19.44
CA SER A 159 -22.59 -22.56 20.62
C SER A 159 -21.40 -21.87 21.27
N ASN A 160 -20.17 -22.24 20.89
CA ASN A 160 -18.97 -21.57 21.41
C ASN A 160 -18.68 -20.31 20.58
N GLU A 161 -19.43 -20.10 19.50
CA GLU A 161 -19.28 -18.97 18.58
C GLU A 161 -17.85 -18.79 18.10
N TYR A 162 -17.33 -17.55 18.20
CA TYR A 162 -15.99 -17.19 17.71
C TYR A 162 -14.93 -17.01 18.79
N LEU A 163 -13.96 -17.90 18.69
CA LEU A 163 -12.88 -18.19 19.61
C LEU A 163 -11.49 -17.67 19.26
N ASP A 164 -10.66 -17.52 20.29
CA ASP A 164 -9.25 -17.13 20.18
C ASP A 164 -8.27 -18.31 20.21
N VAL A 165 -6.97 -18.00 20.07
CA VAL A 165 -5.87 -18.96 20.19
C VAL A 165 -5.01 -18.65 21.42
N ARG A 166 -4.63 -19.69 22.16
CA ARG A 166 -3.79 -19.53 23.35
C ARG A 166 -2.59 -20.48 23.36
N GLU A 167 -1.52 -20.03 24.01
CA GLU A 167 -0.33 -20.86 24.17
C GLU A 167 -0.43 -21.83 25.34
N ASP A 168 -0.09 -23.07 25.09
CA ASP A 168 -0.05 -24.13 26.09
C ASP A 168 1.20 -24.00 26.94
N PRO A 169 1.24 -24.55 28.16
CA PRO A 169 2.48 -24.76 28.86
C PRO A 169 3.23 -25.61 27.87
N ILE A 170 4.45 -25.21 27.52
CA ILE A 170 5.21 -25.85 26.44
C ILE A 170 4.46 -25.41 25.18
N LYS A 171 4.94 -24.35 24.54
CA LYS A 171 4.04 -23.43 23.83
C LYS A 171 3.43 -23.86 22.50
N GLY A 172 2.55 -24.86 22.57
CA GLY A 172 1.77 -25.31 21.43
C GLY A 172 0.54 -24.42 21.40
N VAL A 173 -0.34 -24.60 20.42
CA VAL A 173 -1.53 -23.74 20.33
C VAL A 173 -2.89 -24.45 20.47
N THR A 174 -3.72 -23.91 21.36
CA THR A 174 -5.07 -24.39 21.61
C THR A 174 -6.12 -23.33 21.29
N VAL A 175 -7.20 -23.76 20.64
CA VAL A 175 -8.31 -22.86 20.37
C VAL A 175 -9.22 -22.95 21.60
N SER A 176 -9.54 -21.84 22.22
CA SER A 176 -10.36 -21.96 23.44
C SER A 176 -11.74 -22.51 23.12
N ASN A 177 -12.31 -23.26 24.06
CA ASN A 177 -13.68 -23.78 24.00
C ASN A 177 -14.08 -24.62 22.77
N ILE A 178 -13.16 -25.44 22.26
CA ILE A 178 -13.49 -26.31 21.13
C ILE A 178 -13.94 -27.71 21.52
N PHE A 179 -15.04 -28.12 20.91
CA PHE A 179 -15.60 -29.43 21.11
C PHE A 179 -14.70 -30.50 20.46
N GLU A 180 -14.44 -31.56 21.23
CA GLU A 180 -13.62 -32.69 20.78
C GLU A 180 -14.41 -33.98 20.91
N VAL A 181 -14.67 -34.64 19.80
CA VAL A 181 -15.45 -35.87 19.88
C VAL A 181 -14.57 -37.08 19.77
N CYS A 182 -14.61 -37.96 20.77
CA CYS A 182 -13.80 -39.18 20.72
C CYS A 182 -14.49 -40.23 19.90
N THR A 183 -13.83 -40.68 18.84
CA THR A 183 -14.41 -41.63 17.91
C THR A 183 -13.65 -42.95 17.75
N THR A 184 -14.36 -43.91 17.16
CA THR A 184 -13.87 -45.25 16.83
C THR A 184 -13.96 -45.59 15.32
N SER A 185 -14.69 -44.80 14.53
CA SER A 185 -14.87 -45.10 13.11
C SER A 185 -14.95 -43.89 12.21
N VAL A 186 -14.52 -44.08 10.96
CA VAL A 186 -14.65 -43.06 9.93
C VAL A 186 -16.05 -42.61 9.73
N GLU A 187 -17.02 -43.47 9.99
CA GLU A 187 -18.40 -43.06 9.83
C GLU A 187 -18.74 -41.96 10.82
N GLU A 188 -18.15 -42.03 12.02
CA GLU A 188 -18.45 -41.07 13.06
C GLU A 188 -17.80 -39.75 12.74
N ILE A 189 -16.51 -39.78 12.41
CA ILE A 189 -15.87 -38.50 12.12
C ILE A 189 -16.35 -37.90 10.81
N MET A 190 -16.48 -38.68 9.77
CA MET A 190 -16.95 -38.13 8.51
C MET A 190 -18.32 -37.47 8.66
N GLU A 191 -19.28 -38.15 9.33
CA GLU A 191 -20.60 -37.55 9.48
C GLU A 191 -20.50 -36.31 10.38
N LEU A 192 -19.65 -36.36 11.40
CA LEU A 192 -19.43 -35.25 12.31
C LEU A 192 -18.98 -34.02 11.54
N ILE A 193 -18.00 -34.20 10.66
CA ILE A 193 -17.44 -33.12 9.84
C ILE A 193 -18.44 -32.59 8.84
N HIS A 194 -19.12 -33.49 8.15
CA HIS A 194 -20.07 -33.06 7.15
C HIS A 194 -21.23 -32.33 7.82
N THR A 195 -21.60 -32.74 9.02
CA THR A 195 -22.61 -32.02 9.75
C THR A 195 -22.03 -30.63 10.08
N GLY A 196 -20.78 -30.60 10.54
CA GLY A 196 -20.07 -29.36 10.87
C GLY A 196 -19.98 -28.39 9.68
N ASN A 197 -19.94 -28.92 8.46
CA ASN A 197 -19.91 -28.07 7.27
C ASN A 197 -21.15 -27.19 7.18
N ARG A 198 -22.25 -27.60 7.82
CA ARG A 198 -23.50 -26.85 7.80
C ARG A 198 -23.35 -25.52 8.53
N ASN A 199 -22.35 -25.42 9.41
CA ASN A 199 -22.13 -24.22 10.20
C ASN A 199 -21.06 -23.33 9.58
N ARG A 200 -20.57 -23.66 8.39
CA ARG A 200 -19.55 -22.84 7.75
C ARG A 200 -20.11 -21.63 7.08
N THR A 201 -19.33 -20.56 7.05
CA THR A 201 -19.76 -19.37 6.37
C THR A 201 -19.43 -19.52 4.88
N GLN A 202 -20.47 -19.55 4.06
CA GLN A 202 -20.35 -19.75 2.62
C GLN A 202 -21.29 -18.80 1.91
N GLU A 203 -20.93 -18.34 0.71
CA GLU A 203 -21.85 -17.51 -0.07
C GLU A 203 -21.89 -17.81 -1.56
N PRO A 204 -23.04 -17.54 -2.22
CA PRO A 204 -23.26 -17.68 -3.64
C PRO A 204 -22.61 -16.56 -4.43
N THR A 205 -21.30 -16.71 -4.64
CA THR A 205 -20.50 -15.73 -5.36
C THR A 205 -20.52 -16.07 -6.85
N ASP A 206 -20.12 -15.13 -7.70
CA ASP A 206 -20.11 -15.37 -9.14
C ASP A 206 -19.23 -16.55 -9.57
N ALA A 207 -18.11 -16.73 -8.88
CA ALA A 207 -17.17 -17.80 -9.20
C ALA A 207 -17.52 -19.14 -8.56
N ASN A 208 -18.43 -19.14 -7.58
CA ASN A 208 -18.72 -20.33 -6.80
C ASN A 208 -19.94 -20.20 -5.88
N LYS A 209 -20.97 -20.98 -6.19
CA LYS A 209 -22.23 -21.02 -5.44
C LYS A 209 -22.03 -21.29 -3.93
N THR A 210 -20.98 -22.04 -3.61
CA THR A 210 -20.67 -22.46 -2.26
C THR A 210 -19.33 -21.92 -1.76
N SER A 211 -18.87 -20.80 -2.34
CA SER A 211 -17.55 -20.28 -1.98
C SER A 211 -17.37 -20.18 -0.49
N SER A 212 -16.33 -20.84 0.01
CA SER A 212 -16.06 -20.76 1.42
C SER A 212 -15.53 -19.39 1.69
N ARG A 213 -15.95 -18.82 2.80
CA ARG A 213 -15.46 -17.53 3.19
C ARG A 213 -14.40 -17.70 4.26
N SER A 214 -14.03 -18.95 4.52
CA SER A 214 -13.13 -19.28 5.61
C SER A 214 -12.27 -20.51 5.40
N HIS A 215 -11.27 -20.66 6.25
CA HIS A 215 -10.40 -21.84 6.15
C HIS A 215 -10.99 -22.92 7.05
N GLY A 216 -11.40 -24.03 6.44
CA GLY A 216 -12.04 -25.09 7.25
C GLY A 216 -10.95 -25.98 7.81
N VAL A 217 -10.76 -25.99 9.13
CA VAL A 217 -9.64 -26.75 9.67
C VAL A 217 -10.07 -27.93 10.54
N LEU A 218 -9.69 -29.11 10.09
CA LEU A 218 -9.96 -30.36 10.78
C LEU A 218 -8.80 -30.74 11.62
N GLN A 219 -9.08 -31.16 12.83
CA GLN A 219 -8.03 -31.55 13.73
C GLN A 219 -8.37 -32.90 14.36
N VAL A 220 -7.82 -33.96 13.81
CA VAL A 220 -8.12 -35.28 14.32
C VAL A 220 -6.93 -35.77 15.14
N ILE A 221 -7.16 -36.02 16.43
CA ILE A 221 -6.05 -36.34 17.31
C ILE A 221 -6.03 -37.78 17.70
N VAL A 222 -4.98 -38.44 17.26
CA VAL A 222 -4.90 -39.86 17.49
C VAL A 222 -4.16 -40.07 18.78
N GLU A 223 -4.90 -40.00 19.87
CA GLU A 223 -4.30 -40.12 21.19
C GLU A 223 -4.11 -41.58 21.54
N GLU A 224 -2.94 -41.93 22.08
CA GLU A 224 -2.72 -43.33 22.41
C GLU A 224 -1.98 -43.58 23.69
N THR A 225 -2.30 -44.71 24.29
CA THR A 225 -1.66 -45.26 25.48
C THR A 225 -1.58 -46.76 25.43
N GLU A 226 -0.54 -47.32 26.04
CA GLU A 226 -0.57 -48.76 26.19
C GLU A 226 -1.83 -49.02 26.97
N LYS A 227 -2.56 -50.08 26.64
CA LYS A 227 -3.78 -50.41 27.38
C LYS A 227 -3.53 -50.60 28.90
N GLY A 228 -2.27 -50.78 29.29
CA GLY A 228 -1.89 -50.90 30.70
C GLY A 228 -1.92 -49.49 31.32
N GLN A 229 -3.15 -48.99 31.52
CA GLN A 229 -3.44 -47.63 31.99
C GLN A 229 -2.82 -47.29 33.34
N GLY A 230 -2.55 -48.31 34.15
CA GLY A 230 -1.97 -48.10 35.48
C GLY A 230 -0.45 -47.88 35.44
N VAL A 231 0.15 -47.93 34.25
CA VAL A 231 1.58 -47.76 34.10
C VAL A 231 1.89 -46.34 33.65
N TYR A 232 3.06 -45.81 34.00
CA TYR A 232 3.42 -44.53 33.42
C TYR A 232 3.55 -44.69 31.91
N GLN A 233 2.94 -43.78 31.16
CA GLN A 233 3.01 -43.87 29.71
C GLN A 233 3.49 -42.63 29.01
N GLN A 234 4.34 -42.85 28.02
CA GLN A 234 4.79 -41.79 27.13
C GLN A 234 3.79 -41.75 25.99
N THR A 235 2.62 -41.22 26.29
CA THR A 235 1.52 -41.24 25.35
C THR A 235 1.77 -40.34 24.17
N LYS A 236 1.02 -40.56 23.10
CA LYS A 236 1.16 -39.71 21.91
C LYS A 236 -0.16 -39.04 21.63
N ARG A 237 -0.11 -37.90 20.96
CA ARG A 237 -1.28 -37.17 20.51
C ARG A 237 -1.07 -36.66 19.10
N GLY A 238 -0.79 -37.56 18.16
CA GLY A 238 -0.47 -37.11 16.82
C GLY A 238 -1.68 -36.43 16.23
N LYS A 239 -1.48 -35.32 15.53
CA LYS A 239 -2.62 -34.63 14.95
C LYS A 239 -2.59 -34.72 13.43
N LEU A 240 -3.70 -35.21 12.90
CA LEU A 240 -3.92 -35.34 11.48
C LEU A 240 -4.78 -34.15 11.10
N CYS A 241 -4.14 -33.14 10.54
CA CYS A 241 -4.84 -31.91 10.27
C CYS A 241 -5.08 -31.68 8.80
N VAL A 242 -6.31 -31.35 8.46
CA VAL A 242 -6.67 -31.11 7.07
C VAL A 242 -7.30 -29.73 6.96
N ILE A 243 -6.80 -28.92 6.05
CA ILE A 243 -7.30 -27.56 5.87
C ILE A 243 -7.91 -27.31 4.51
N ASP A 244 -9.15 -26.91 4.52
CA ASP A 244 -9.84 -26.51 3.31
C ASP A 244 -9.55 -25.03 3.16
N LEU A 245 -8.49 -24.65 2.43
CA LEU A 245 -8.16 -23.24 2.45
C LEU A 245 -9.25 -22.46 1.77
N ALA A 246 -9.53 -21.28 2.28
CA ALA A 246 -10.54 -20.45 1.65
C ALA A 246 -10.07 -20.23 0.23
N GLY A 247 -10.99 -20.23 -0.72
CA GLY A 247 -10.56 -20.07 -2.11
C GLY A 247 -9.99 -18.70 -2.37
N SER A 248 -9.01 -18.63 -3.26
CA SER A 248 -8.41 -17.34 -3.60
C SER A 248 -9.45 -16.49 -4.30
N GLU A 249 -9.45 -15.17 -4.04
CA GLU A 249 -10.46 -14.32 -4.67
C GLU A 249 -9.96 -13.03 -5.32
N ARG A 250 -10.39 -12.83 -6.56
CA ARG A 250 -10.09 -11.60 -7.29
C ARG A 250 -11.37 -11.18 -8.00
N ALA A 251 -12.48 -11.64 -7.43
CA ALA A 251 -13.83 -11.42 -7.93
C ALA A 251 -14.45 -10.13 -7.41
N SER A 252 -13.65 -9.34 -6.68
CA SER A 252 -14.07 -8.07 -6.06
C SER A 252 -14.59 -7.04 -7.06
N GLN A 253 -14.40 -7.28 -8.36
CA GLN A 253 -14.92 -6.38 -9.38
C GLN A 253 -16.45 -6.38 -9.30
N THR A 254 -17.03 -7.53 -8.95
CA THR A 254 -18.48 -7.66 -8.85
C THR A 254 -18.88 -7.91 -7.40
N ASN A 255 -17.98 -8.48 -6.59
CA ASN A 255 -18.30 -8.73 -5.19
C ASN A 255 -18.07 -7.47 -4.38
N ASN A 256 -18.96 -6.49 -4.56
CA ASN A 256 -18.84 -5.17 -3.96
C ASN A 256 -19.59 -5.07 -2.63
N LYS A 257 -20.01 -6.21 -2.12
CA LYS A 257 -20.64 -6.31 -0.82
C LYS A 257 -19.57 -6.02 0.22
N GLY A 258 -19.89 -5.19 1.21
CA GLY A 258 -18.91 -4.85 2.24
C GLY A 258 -18.23 -6.08 2.81
N MET A 259 -19.02 -7.05 3.27
CA MET A 259 -18.42 -8.24 3.83
C MET A 259 -17.63 -9.04 2.84
N ARG A 260 -18.03 -9.09 1.57
CA ARG A 260 -17.23 -9.91 0.66
C ARG A 260 -15.88 -9.26 0.43
N MET A 261 -15.83 -7.94 0.45
CA MET A 261 -14.56 -7.26 0.26
C MET A 261 -13.66 -7.52 1.47
N LEU A 262 -14.26 -7.50 2.66
CA LEU A 262 -13.50 -7.77 3.88
C LEU A 262 -12.97 -9.19 3.88
N GLU A 263 -13.86 -10.14 3.62
CA GLU A 263 -13.54 -11.54 3.63
C GLU A 263 -12.50 -11.82 2.57
N GLY A 264 -12.66 -11.24 1.39
CA GLY A 264 -11.73 -11.45 0.31
C GLY A 264 -10.35 -11.05 0.74
N ALA A 265 -10.22 -9.83 1.27
CA ALA A 265 -8.93 -9.34 1.71
C ALA A 265 -8.31 -10.22 2.78
N ASN A 266 -9.12 -10.68 3.74
CA ASN A 266 -8.57 -11.49 4.81
C ASN A 266 -8.17 -12.87 4.30
N ILE A 267 -8.92 -13.37 3.32
CA ILE A 267 -8.58 -14.64 2.73
C ILE A 267 -7.29 -14.53 1.99
N ASN A 268 -7.18 -13.54 1.13
CA ASN A 268 -5.98 -13.45 0.34
C ASN A 268 -4.78 -13.19 1.26
N ARG A 269 -4.96 -12.32 2.25
CA ARG A 269 -3.87 -12.02 3.15
C ARG A 269 -3.38 -13.27 3.86
N SER A 270 -4.30 -14.06 4.40
CA SER A 270 -3.89 -15.27 5.09
C SER A 270 -3.38 -16.36 4.14
N LEU A 271 -3.82 -16.37 2.89
CA LEU A 271 -3.27 -17.35 1.95
C LEU A 271 -1.82 -16.99 1.69
N LEU A 272 -1.54 -15.69 1.59
CA LEU A 272 -0.19 -15.20 1.38
C LEU A 272 0.64 -15.44 2.63
N ALA A 273 0.03 -15.28 3.81
CA ALA A 273 0.76 -15.53 5.05
C ALA A 273 1.19 -16.98 5.07
N LEU A 274 0.30 -17.88 4.66
CA LEU A 274 0.66 -19.29 4.62
C LEU A 274 1.83 -19.44 3.70
N GLY A 275 1.75 -18.81 2.53
CA GLY A 275 2.83 -18.86 1.57
C GLY A 275 4.15 -18.45 2.22
N ASN A 276 4.18 -17.30 2.88
CA ASN A 276 5.39 -16.81 3.51
C ASN A 276 5.89 -17.75 4.59
N VAL A 277 4.98 -18.35 5.35
CA VAL A 277 5.34 -19.32 6.35
C VAL A 277 5.97 -20.53 5.70
N ILE A 278 5.36 -21.02 4.64
CA ILE A 278 5.92 -22.15 3.94
C ILE A 278 7.29 -21.82 3.40
N ASN A 279 7.45 -20.65 2.78
CA ASN A 279 8.73 -20.29 2.20
C ASN A 279 9.80 -20.30 3.29
N ALA A 280 9.45 -19.77 4.45
CA ALA A 280 10.38 -19.72 5.56
C ALA A 280 10.72 -21.12 6.07
N LEU A 281 9.71 -21.97 6.18
CA LEU A 281 9.93 -23.32 6.68
C LEU A 281 10.77 -24.11 5.72
N VAL A 282 10.51 -23.94 4.43
CA VAL A 282 11.26 -24.64 3.41
C VAL A 282 12.70 -24.16 3.45
N LEU A 283 12.91 -22.85 3.57
CA LEU A 283 14.25 -22.32 3.60
C LEU A 283 15.03 -22.88 4.79
N ARG A 284 14.36 -22.98 5.94
CA ARG A 284 15.04 -23.50 7.12
C ARG A 284 15.29 -24.99 6.98
N SER A 285 14.34 -25.72 6.38
CA SER A 285 14.47 -27.15 6.14
C SER A 285 15.64 -27.42 5.20
N LYS A 286 15.75 -26.61 4.14
CA LYS A 286 16.86 -26.70 3.19
C LYS A 286 18.20 -26.44 3.88
N GLY A 287 18.17 -25.59 4.90
CA GLY A 287 19.40 -25.26 5.60
C GLY A 287 20.07 -24.05 5.00
N ASN A 288 19.26 -23.12 4.48
CA ASN A 288 19.80 -21.93 3.87
C ASN A 288 20.29 -21.02 4.97
N SER A 289 20.90 -19.92 4.58
CA SER A 289 21.40 -18.93 5.52
C SER A 289 20.29 -18.09 6.17
N LYS A 290 19.02 -18.28 5.77
CA LYS A 290 17.95 -17.45 6.29
C LYS A 290 17.52 -17.87 7.69
N SER A 291 18.38 -17.63 8.65
CA SER A 291 18.13 -18.00 10.04
C SER A 291 17.32 -16.90 10.70
N ASN A 292 16.04 -17.18 10.96
CA ASN A 292 15.14 -16.19 11.49
C ASN A 292 13.85 -16.83 11.99
N PHE A 293 12.95 -16.00 12.49
CA PHE A 293 11.63 -16.42 12.94
C PHE A 293 10.74 -16.83 11.79
N ILE A 294 10.04 -17.94 11.95
CA ILE A 294 9.07 -18.34 10.95
C ILE A 294 7.83 -17.54 11.26
N PRO A 295 7.30 -16.71 10.35
CA PRO A 295 6.19 -15.80 10.60
C PRO A 295 4.83 -16.46 10.77
N PHE A 296 4.71 -17.35 11.76
CA PHE A 296 3.46 -18.04 12.01
C PHE A 296 2.44 -17.04 12.54
N ARG A 297 2.99 -15.98 13.13
CA ARG A 297 2.26 -14.88 13.71
C ARG A 297 1.40 -14.13 12.70
N ASP A 298 1.71 -14.26 11.41
CA ASP A 298 1.00 -13.50 10.40
C ASP A 298 -0.47 -13.89 10.21
N SER A 299 -0.88 -15.08 10.68
CA SER A 299 -2.31 -15.44 10.54
C SER A 299 -2.73 -16.42 11.61
N LYS A 300 -4.04 -16.49 11.90
CA LYS A 300 -4.49 -17.48 12.89
C LYS A 300 -4.30 -18.89 12.34
N LEU A 301 -4.40 -19.02 11.03
CA LEU A 301 -4.23 -20.31 10.39
C LEU A 301 -2.83 -20.80 10.69
N THR A 302 -1.84 -19.97 10.42
CA THR A 302 -0.47 -20.41 10.61
C THR A 302 -0.06 -20.49 12.06
N ARG A 303 -0.63 -19.64 12.92
CA ARG A 303 -0.28 -19.71 14.32
C ARG A 303 -0.68 -21.07 14.85
N LEU A 304 -1.90 -21.48 14.53
CA LEU A 304 -2.41 -22.76 14.97
C LEU A 304 -1.63 -23.93 14.38
N LEU A 305 -1.39 -23.87 13.07
CA LEU A 305 -0.73 -24.99 12.40
C LEU A 305 0.75 -25.10 12.74
N LYS A 306 1.31 -24.09 13.39
CA LYS A 306 2.69 -24.10 13.87
C LYS A 306 3.11 -25.43 14.49
N ASP A 307 2.21 -26.04 15.26
CA ASP A 307 2.53 -27.27 15.98
C ASP A 307 2.92 -28.45 15.08
N SER A 308 2.50 -28.41 13.83
CA SER A 308 2.90 -29.47 12.90
C SER A 308 3.93 -28.91 11.94
N LEU A 309 3.73 -27.66 11.54
CA LEU A 309 4.54 -27.05 10.52
C LEU A 309 6.02 -26.88 10.90
N GLY A 310 6.32 -26.61 12.15
CA GLY A 310 7.72 -26.40 12.53
C GLY A 310 8.49 -27.66 12.99
N GLY A 311 7.87 -28.86 12.95
CA GLY A 311 8.56 -30.05 13.49
C GLY A 311 8.84 -31.19 12.50
N ASN A 312 9.07 -32.40 13.06
CA ASN A 312 9.39 -33.60 12.28
C ASN A 312 8.10 -34.20 11.76
N CYS A 313 7.46 -33.45 10.90
CA CYS A 313 6.12 -33.76 10.44
C CYS A 313 6.05 -33.92 8.94
N LYS A 314 4.98 -34.53 8.47
CA LYS A 314 4.78 -34.66 7.04
C LYS A 314 3.62 -33.82 6.61
N THR A 315 3.84 -32.96 5.65
CA THR A 315 2.76 -32.13 5.19
C THR A 315 2.57 -32.28 3.68
N VAL A 316 1.43 -31.81 3.20
CA VAL A 316 1.08 -31.91 1.81
C VAL A 316 0.22 -30.77 1.31
N MET A 317 0.61 -30.20 0.19
CA MET A 317 -0.20 -29.17 -0.47
C MET A 317 -0.88 -29.80 -1.66
N ILE A 318 -2.21 -29.80 -1.68
CA ILE A 318 -2.96 -30.39 -2.79
C ILE A 318 -3.73 -29.30 -3.50
N ALA A 319 -3.27 -28.95 -4.69
CA ALA A 319 -3.93 -27.87 -5.39
C ALA A 319 -4.97 -28.42 -6.37
N ASN A 320 -5.91 -27.55 -6.77
CA ASN A 320 -6.98 -27.87 -7.73
C ASN A 320 -7.06 -26.88 -8.91
N ILE A 321 -6.89 -27.40 -10.12
CA ILE A 321 -6.85 -26.60 -11.36
C ILE A 321 -7.76 -27.08 -12.50
N SER A 322 -7.89 -26.25 -13.56
CA SER A 322 -8.68 -26.64 -14.73
C SER A 322 -7.87 -26.56 -16.02
N PRO A 323 -8.04 -27.52 -16.95
CA PRO A 323 -7.42 -27.59 -18.25
C PRO A 323 -7.92 -26.59 -19.23
N SER A 324 -9.07 -25.96 -18.92
CA SER A 324 -9.70 -25.02 -19.82
C SER A 324 -9.01 -23.67 -19.93
N HIS A 325 -8.84 -23.18 -21.15
CA HIS A 325 -8.25 -21.85 -21.30
C HIS A 325 -9.20 -20.76 -20.82
N LEU A 326 -10.47 -21.11 -20.61
CA LEU A 326 -11.49 -20.15 -20.23
C LEU A 326 -11.23 -19.67 -18.80
N SER A 327 -10.45 -20.45 -18.06
CA SER A 327 -10.08 -20.13 -16.70
C SER A 327 -8.56 -20.16 -16.57
N TYR A 328 -7.87 -19.86 -17.69
CA TYR A 328 -6.41 -19.85 -17.72
C TYR A 328 -5.82 -19.08 -16.56
N GLU A 329 -6.33 -17.89 -16.33
CA GLU A 329 -5.82 -16.99 -15.31
C GLU A 329 -5.90 -17.59 -13.91
N ASP A 330 -6.95 -18.37 -13.63
CA ASP A 330 -7.11 -18.94 -12.31
C ASP A 330 -6.17 -20.12 -12.15
N THR A 331 -6.04 -20.91 -13.22
CA THR A 331 -5.13 -22.03 -13.21
C THR A 331 -3.71 -21.54 -13.08
N HIS A 332 -3.38 -20.46 -13.80
CA HIS A 332 -2.05 -19.86 -13.78
C HIS A 332 -1.70 -19.48 -12.35
N ASN A 333 -2.57 -18.70 -11.71
CA ASN A 333 -2.29 -18.27 -10.35
C ASN A 333 -2.27 -19.43 -9.36
N THR A 334 -3.13 -20.42 -9.58
CA THR A 334 -3.16 -21.55 -8.67
C THR A 334 -1.84 -22.33 -8.76
N LEU A 335 -1.38 -22.56 -9.98
CA LEU A 335 -0.12 -23.26 -10.22
C LEU A 335 1.06 -22.45 -9.69
N LYS A 336 1.02 -21.14 -9.85
CA LYS A 336 2.10 -20.29 -9.39
C LYS A 336 2.24 -20.40 -7.88
N TYR A 337 1.12 -20.33 -7.17
CA TYR A 337 1.15 -20.44 -5.71
C TYR A 337 1.78 -21.77 -5.33
N ALA A 338 1.27 -22.86 -5.93
CA ALA A 338 1.76 -24.18 -5.60
C ALA A 338 3.25 -24.33 -5.90
N ASN A 339 3.70 -23.79 -7.03
CA ASN A 339 5.10 -23.83 -7.40
C ASN A 339 5.92 -23.18 -6.29
N ARG A 340 5.46 -22.00 -5.84
CA ARG A 340 6.14 -21.29 -4.78
C ARG A 340 6.02 -22.03 -3.45
N ALA A 341 4.95 -22.80 -3.26
CA ALA A 341 4.84 -23.56 -2.03
C ALA A 341 5.98 -24.59 -1.96
N LYS A 342 6.33 -25.17 -3.12
CA LYS A 342 7.39 -26.18 -3.16
C LYS A 342 8.79 -25.53 -3.11
N ASN A 343 9.01 -24.49 -3.93
CA ASN A 343 10.31 -23.80 -4.04
C ASN A 343 11.50 -24.66 -4.50
N ILE A 344 11.26 -25.69 -5.30
CA ILE A 344 12.34 -26.52 -5.81
C ILE A 344 12.47 -26.43 -7.33
N LYS A 345 13.65 -26.08 -7.81
CA LYS A 345 13.83 -25.93 -9.26
C LYS A 345 14.18 -27.25 -9.97
N ASN A 346 13.22 -28.19 -10.00
CA ASN A 346 13.44 -29.49 -10.67
C ASN A 346 12.84 -29.50 -12.07
N VAL A 347 12.25 -28.38 -12.46
CA VAL A 347 11.52 -28.27 -13.70
C VAL A 347 11.83 -27.00 -14.50
N MET B 1 -14.44 21.10 -35.59
CA MET B 1 -13.83 19.89 -36.24
C MET B 1 -12.79 19.25 -35.31
N ARG B 2 -11.56 19.06 -35.80
CA ARG B 2 -10.34 18.74 -35.01
C ARG B 2 -10.29 19.15 -33.51
N GLU B 3 -10.62 18.23 -32.61
CA GLU B 3 -10.67 18.55 -31.19
C GLU B 3 -10.00 17.51 -30.30
N CYS B 4 -9.39 17.95 -29.20
CA CYS B 4 -8.62 17.08 -28.31
C CYS B 4 -9.21 17.21 -26.92
N ILE B 5 -9.50 16.05 -26.33
CA ILE B 5 -10.05 15.95 -24.99
C ILE B 5 -8.94 15.64 -24.01
N SER B 6 -8.82 16.47 -22.97
CA SER B 6 -7.77 16.32 -21.95
C SER B 6 -8.31 15.68 -20.68
N ILE B 7 -7.64 14.66 -20.18
CA ILE B 7 -8.02 14.02 -18.91
C ILE B 7 -6.86 14.16 -17.93
N HIS B 8 -7.12 14.74 -16.77
CA HIS B 8 -6.10 15.01 -15.76
C HIS B 8 -6.39 14.21 -14.51
N VAL B 9 -5.53 13.22 -14.25
CA VAL B 9 -5.73 12.24 -13.19
C VAL B 9 -4.74 12.35 -12.04
N GLY B 10 -5.26 12.37 -10.82
CA GLY B 10 -4.45 12.43 -9.60
C GLY B 10 -3.78 13.78 -9.41
N GLN B 11 -2.89 13.89 -8.42
CA GLN B 11 -2.34 15.19 -8.00
C GLN B 11 -1.48 15.79 -9.11
N ALA B 12 -0.55 14.96 -9.57
CA ALA B 12 0.42 15.34 -10.59
C ALA B 12 -0.30 15.78 -11.86
N GLY B 13 -1.25 14.94 -12.26
CA GLY B 13 -2.05 15.18 -13.47
C GLY B 13 -2.78 16.51 -13.36
N VAL B 14 -3.37 16.74 -12.19
CA VAL B 14 -4.13 17.96 -11.95
C VAL B 14 -3.21 19.17 -12.07
N GLN B 15 -2.05 19.06 -11.45
CA GLN B 15 -1.21 20.26 -11.29
C GLN B 15 -0.57 20.63 -12.64
N ILE B 16 -0.14 19.60 -13.40
CA ILE B 16 0.36 19.80 -14.78
C ILE B 16 -0.74 20.45 -15.62
N GLY B 17 -1.95 19.90 -15.48
CA GLY B 17 -3.11 20.35 -16.22
C GLY B 17 -3.40 21.79 -15.93
N ASN B 18 -3.28 22.22 -14.66
CA ASN B 18 -3.51 23.62 -14.31
C ASN B 18 -2.61 24.54 -15.13
N ALA B 19 -1.33 24.18 -15.13
CA ALA B 19 -0.31 24.92 -15.86
C ALA B 19 -0.65 25.01 -17.34
N CYS B 20 -1.02 23.85 -17.88
CA CYS B 20 -1.38 23.71 -19.28
C CYS B 20 -2.51 24.65 -19.65
N TRP B 21 -3.53 24.67 -18.79
CA TRP B 21 -4.72 25.47 -19.06
C TRP B 21 -4.45 26.96 -18.88
N GLU B 22 -3.52 27.30 -17.99
CA GLU B 22 -3.04 28.69 -17.83
C GLU B 22 -2.41 29.12 -19.12
N LEU B 23 -1.55 28.25 -19.67
CA LEU B 23 -0.82 28.52 -20.90
C LEU B 23 -1.73 28.66 -22.11
N TYR B 24 -2.68 27.73 -22.23
CA TYR B 24 -3.63 27.74 -23.35
C TYR B 24 -4.43 29.04 -23.40
N CYS B 25 -4.90 29.45 -22.22
CA CYS B 25 -5.69 30.65 -22.05
C CYS B 25 -4.94 31.87 -22.58
N LEU B 26 -3.68 31.95 -22.16
CA LEU B 26 -2.80 33.06 -22.56
C LEU B 26 -2.54 33.05 -24.06
N GLU B 27 -2.34 31.85 -24.57
CA GLU B 27 -2.08 31.61 -26.00
C GLU B 27 -3.25 32.09 -26.84
N HIS B 28 -4.49 31.73 -26.46
CA HIS B 28 -5.67 32.07 -27.25
C HIS B 28 -6.42 33.35 -26.81
N GLY B 29 -5.92 34.02 -25.79
CA GLY B 29 -6.51 35.25 -25.29
C GLY B 29 -7.83 35.03 -24.55
N ILE B 30 -7.97 33.85 -23.92
CA ILE B 30 -9.13 33.53 -23.08
C ILE B 30 -8.79 33.99 -21.67
N GLN B 31 -9.68 34.77 -21.05
CA GLN B 31 -9.47 35.24 -19.66
C GLN B 31 -9.80 34.11 -18.66
N PRO B 32 -9.37 34.22 -17.39
CA PRO B 32 -9.66 33.15 -16.41
C PRO B 32 -11.15 32.89 -16.13
N ASP B 33 -12.04 33.79 -16.58
CA ASP B 33 -13.49 33.64 -16.46
C ASP B 33 -14.16 33.02 -17.69
N GLY B 34 -13.36 32.62 -18.69
CA GLY B 34 -13.86 32.00 -19.92
C GLY B 34 -14.16 32.99 -21.04
N GLN B 35 -14.09 34.29 -20.76
CA GLN B 35 -14.40 35.34 -21.73
C GLN B 35 -13.17 35.67 -22.59
N MET B 36 -13.45 36.10 -23.82
CA MET B 36 -12.41 36.62 -24.75
C MET B 36 -12.80 38.05 -25.19
N PRO B 37 -11.93 39.05 -24.93
CA PRO B 37 -12.26 40.43 -25.34
C PRO B 37 -11.97 40.70 -26.82
N ASP B 38 -12.68 29.62 -35.36
CA ASP B 38 -11.35 29.96 -34.86
C ASP B 38 -10.74 28.76 -34.09
N SER B 39 -9.42 28.62 -34.21
CA SER B 39 -8.64 27.42 -33.84
C SER B 39 -8.71 26.98 -32.37
N PHE B 40 -8.93 27.95 -31.46
CA PHE B 40 -9.04 27.67 -30.00
C PHE B 40 -10.11 26.61 -29.69
N ASN B 41 -11.05 26.43 -30.64
CA ASN B 41 -12.12 25.42 -30.62
C ASN B 41 -11.62 23.97 -30.48
N THR B 42 -10.36 23.74 -30.85
CA THR B 42 -9.70 22.44 -30.67
C THR B 42 -9.57 22.07 -29.18
N PHE B 43 -9.45 23.10 -28.33
CA PHE B 43 -9.37 22.91 -26.86
C PHE B 43 -10.55 23.37 -26.03
N PHE B 44 -11.38 24.24 -26.61
CA PHE B 44 -12.49 24.83 -25.89
C PHE B 44 -13.81 24.68 -26.64
N SER B 45 -14.87 24.40 -25.88
CA SER B 45 -16.24 24.52 -26.40
C SER B 45 -16.64 25.96 -26.18
N GLU B 46 -17.60 26.44 -26.95
CA GLU B 46 -18.08 27.80 -26.82
C GLU B 46 -19.57 27.75 -26.57
N THR B 47 -20.03 28.45 -25.52
CA THR B 47 -21.40 28.39 -25.05
C THR B 47 -21.95 29.81 -24.91
N GLY B 48 -22.99 30.12 -25.68
CA GLY B 48 -23.64 31.42 -25.62
C GLY B 48 -22.70 32.57 -25.98
N ALA B 49 -22.82 33.66 -25.23
CA ALA B 49 -22.00 34.85 -25.44
C ALA B 49 -21.01 35.02 -24.29
N GLY B 50 -19.77 35.36 -24.64
CA GLY B 50 -18.70 35.63 -23.67
C GLY B 50 -18.32 34.46 -22.78
N LYS B 51 -18.15 33.29 -23.39
CA LYS B 51 -17.75 32.10 -22.64
C LYS B 51 -17.06 31.08 -23.54
N HIS B 52 -16.01 30.48 -23.01
CA HIS B 52 -15.34 29.33 -23.61
C HIS B 52 -14.97 28.35 -22.51
N VAL B 53 -15.23 27.06 -22.72
CA VAL B 53 -14.98 26.05 -21.69
C VAL B 53 -14.04 24.94 -22.15
N PRO B 54 -12.97 24.69 -21.36
CA PRO B 54 -12.00 23.67 -21.74
C PRO B 54 -12.63 22.30 -21.97
N ARG B 55 -12.16 21.58 -22.98
CA ARG B 55 -12.57 20.20 -23.27
C ARG B 55 -11.73 19.31 -22.38
N ALA B 56 -11.99 19.39 -21.09
CA ALA B 56 -11.18 18.67 -20.10
C ALA B 56 -11.97 18.10 -18.95
N VAL B 57 -11.48 16.99 -18.41
CA VAL B 57 -12.00 16.34 -17.22
C VAL B 57 -10.85 16.20 -16.22
N PHE B 58 -11.11 16.63 -14.99
CA PHE B 58 -10.15 16.62 -13.90
C PHE B 58 -10.67 15.61 -12.90
N VAL B 59 -9.83 14.65 -12.54
CA VAL B 59 -10.21 13.52 -11.69
C VAL B 59 -9.18 13.31 -10.60
N ASP B 60 -9.67 13.10 -9.39
CA ASP B 60 -8.82 12.83 -8.24
C ASP B 60 -9.68 12.10 -7.23
N LEU B 61 -9.10 11.16 -6.49
CA LEU B 61 -9.85 10.39 -5.49
C LEU B 61 -10.04 11.11 -4.14
N GLU B 62 -9.23 12.17 -3.93
CA GLU B 62 -9.31 13.08 -2.78
C GLU B 62 -10.04 14.34 -3.23
N PRO B 63 -10.50 15.16 -2.29
CA PRO B 63 -10.95 16.51 -2.72
C PRO B 63 -9.87 17.63 -2.83
N THR B 64 -8.76 17.50 -2.10
CA THR B 64 -7.79 18.57 -1.80
C THR B 64 -7.22 19.35 -2.98
N VAL B 65 -6.72 18.62 -3.98
CA VAL B 65 -6.07 19.26 -5.12
C VAL B 65 -7.08 19.97 -6.03
N ILE B 66 -8.18 19.28 -6.34
CA ILE B 66 -9.28 19.81 -7.12
C ILE B 66 -9.95 20.98 -6.39
N ASP B 67 -10.07 20.86 -5.06
CA ASP B 67 -10.70 21.92 -4.28
C ASP B 67 -9.98 23.27 -4.43
N GLU B 68 -8.66 23.20 -4.63
CA GLU B 68 -7.87 24.39 -4.90
C GLU B 68 -8.34 25.05 -6.19
N VAL B 69 -8.57 24.21 -7.20
CA VAL B 69 -9.03 24.69 -8.52
C VAL B 69 -10.38 25.38 -8.35
N ARG B 70 -11.26 24.76 -7.56
CA ARG B 70 -12.59 25.31 -7.33
C ARG B 70 -12.48 26.68 -6.64
N THR B 71 -11.59 26.78 -5.67
CA THR B 71 -11.54 28.02 -4.92
C THR B 71 -10.86 29.07 -5.82
N GLY B 72 -9.85 28.65 -6.57
CA GLY B 72 -8.83 29.52 -7.13
C GLY B 72 -9.17 30.39 -8.34
N THR B 73 -8.09 30.89 -8.97
CA THR B 73 -8.10 31.86 -10.08
C THR B 73 -8.97 31.46 -11.28
N TYR B 74 -8.91 30.17 -11.64
CA TYR B 74 -9.64 29.59 -12.80
C TYR B 74 -10.92 28.82 -12.42
N ARG B 75 -11.57 29.20 -11.31
CA ARG B 75 -12.85 28.61 -10.86
C ARG B 75 -13.99 28.76 -11.87
N GLN B 76 -14.00 29.88 -12.57
CA GLN B 76 -15.04 30.20 -13.56
C GLN B 76 -14.77 29.57 -14.94
N LEU B 77 -13.51 29.18 -15.17
CA LEU B 77 -13.10 28.59 -16.45
C LEU B 77 -13.71 27.22 -16.68
N PHE B 78 -13.68 26.38 -15.65
CA PHE B 78 -14.24 25.03 -15.69
C PHE B 78 -15.64 25.01 -15.07
N HIS B 79 -16.58 24.25 -15.64
CA HIS B 79 -17.88 24.10 -14.99
C HIS B 79 -17.73 23.01 -13.96
N PRO B 80 -18.50 23.09 -12.86
CA PRO B 80 -18.28 22.16 -11.75
C PRO B 80 -18.34 20.67 -12.08
N GLU B 81 -19.19 20.28 -13.04
CA GLU B 81 -19.40 18.88 -13.41
C GLU B 81 -18.19 18.23 -14.10
N GLN B 82 -17.21 19.02 -14.56
CA GLN B 82 -15.98 18.49 -15.18
C GLN B 82 -14.83 18.23 -14.18
N LEU B 83 -15.05 18.66 -12.93
CA LEU B 83 -14.14 18.46 -11.80
C LEU B 83 -14.75 17.38 -10.91
N ILE B 84 -14.18 16.18 -11.01
CA ILE B 84 -14.65 14.96 -10.32
C ILE B 84 -13.72 14.58 -9.16
N THR B 85 -14.37 14.36 -8.03
CA THR B 85 -13.72 14.21 -6.74
C THR B 85 -14.40 13.07 -5.96
N GLY B 86 -13.59 12.19 -5.39
CA GLY B 86 -14.07 11.12 -4.53
C GLY B 86 -13.95 11.60 -3.09
N LYS B 87 -13.94 10.67 -2.16
CA LYS B 87 -13.83 11.03 -0.75
C LYS B 87 -12.55 10.53 -0.11
N GLU B 88 -12.16 9.30 -0.44
CA GLU B 88 -10.92 8.69 0.01
C GLU B 88 -9.97 8.52 -1.17
N ASP B 89 -8.68 8.67 -0.91
CA ASP B 89 -7.66 8.53 -1.97
C ASP B 89 -7.34 7.06 -2.28
N ALA B 90 -6.46 6.83 -3.25
CA ALA B 90 -5.89 5.50 -3.47
C ALA B 90 -4.72 5.19 -2.52
N ALA B 91 -4.28 6.19 -1.76
CA ALA B 91 -3.23 6.06 -0.72
C ALA B 91 -1.96 5.33 -1.21
N ASN B 92 -1.49 5.71 -2.42
CA ASN B 92 -0.28 5.15 -3.04
C ASN B 92 -0.37 3.65 -3.28
N ASN B 93 -1.61 3.19 -3.45
CA ASN B 93 -1.91 1.78 -3.62
C ASN B 93 -2.68 1.58 -4.95
N TYR B 94 -2.02 0.86 -5.85
CA TYR B 94 -2.56 0.55 -7.19
C TYR B 94 -3.90 -0.11 -7.08
N ALA B 95 -4.04 -1.04 -6.14
CA ALA B 95 -5.26 -1.81 -5.97
C ALA B 95 -6.44 -0.90 -5.68
N ARG B 96 -6.22 0.05 -4.77
CA ARG B 96 -7.28 0.99 -4.38
C ARG B 96 -7.71 1.82 -5.59
N GLY B 97 -6.72 2.24 -6.39
CA GLY B 97 -6.98 2.98 -7.62
C GLY B 97 -7.79 2.19 -8.66
N HIS B 98 -7.30 1.01 -9.00
CA HIS B 98 -7.91 0.14 -10.01
C HIS B 98 -9.18 -0.55 -9.56
N TYR B 99 -9.25 -0.95 -8.29
CA TYR B 99 -10.40 -1.76 -7.80
C TYR B 99 -11.23 -1.05 -6.72
N THR B 100 -10.84 -1.21 -5.45
CA THR B 100 -11.60 -0.76 -4.26
C THR B 100 -12.23 0.64 -4.35
N ILE B 101 -11.43 1.65 -4.67
CA ILE B 101 -11.92 3.04 -4.74
C ILE B 101 -12.36 3.47 -6.15
N GLY B 102 -11.56 3.09 -7.16
CA GLY B 102 -11.78 3.38 -8.59
C GLY B 102 -13.08 2.89 -9.20
N LYS B 103 -13.49 1.66 -8.83
CA LYS B 103 -14.73 1.06 -9.34
C LYS B 103 -16.00 1.85 -8.94
N GLU B 104 -15.89 2.74 -7.94
CA GLU B 104 -17.02 3.58 -7.50
C GLU B 104 -17.26 4.82 -8.35
N ILE B 105 -16.23 5.30 -9.03
CA ILE B 105 -16.22 6.62 -9.70
C ILE B 105 -16.03 6.52 -11.22
N ILE B 106 -15.64 5.33 -11.74
CA ILE B 106 -15.23 5.20 -13.13
C ILE B 106 -16.38 5.43 -14.08
N ASP B 107 -17.54 4.87 -13.73
CA ASP B 107 -18.75 5.02 -14.55
C ASP B 107 -19.11 6.48 -14.76
N LEU B 108 -19.09 7.22 -13.66
CA LEU B 108 -19.44 8.64 -13.64
C LEU B 108 -18.54 9.41 -14.60
N VAL B 109 -17.25 9.15 -14.46
CA VAL B 109 -16.26 9.87 -15.29
C VAL B 109 -16.47 9.51 -16.76
N LEU B 110 -16.75 8.23 -17.02
CA LEU B 110 -16.99 7.79 -18.39
C LEU B 110 -18.16 8.50 -19.00
N ASP B 111 -19.23 8.63 -18.21
CA ASP B 111 -20.48 9.25 -18.69
C ASP B 111 -20.20 10.70 -19.10
N ARG B 112 -19.47 11.39 -18.23
CA ARG B 112 -19.10 12.79 -18.47
C ARG B 112 -18.28 12.90 -19.73
N ILE B 113 -17.32 11.99 -19.90
CA ILE B 113 -16.47 11.97 -21.08
C ILE B 113 -17.30 11.82 -22.35
N ARG B 114 -18.25 10.89 -22.28
CA ARG B 114 -19.14 10.62 -23.40
C ARG B 114 -19.94 11.85 -23.76
N LYS B 115 -20.44 12.53 -22.73
CA LYS B 115 -21.17 13.80 -22.92
C LYS B 115 -20.28 14.82 -23.63
N LEU B 116 -19.04 14.91 -23.18
CA LEU B 116 -18.09 15.85 -23.73
C LEU B 116 -17.82 15.51 -25.18
N ALA B 117 -17.63 14.22 -25.45
CA ALA B 117 -17.25 13.76 -26.79
C ALA B 117 -18.35 13.96 -27.80
N ASP B 118 -19.59 13.82 -27.34
CA ASP B 118 -20.78 14.02 -28.18
C ASP B 118 -20.92 15.46 -28.70
N GLN B 119 -20.31 16.42 -27.98
CA GLN B 119 -20.31 17.83 -28.34
C GLN B 119 -19.22 18.17 -29.38
N CYS B 120 -18.30 17.22 -29.61
CA CYS B 120 -17.22 17.42 -30.58
C CYS B 120 -17.49 16.63 -31.86
N THR B 121 -17.22 17.25 -33.01
CA THR B 121 -17.64 16.74 -34.30
C THR B 121 -16.49 16.13 -35.06
N GLY B 122 -15.25 16.40 -34.61
CA GLY B 122 -14.04 15.87 -35.24
C GLY B 122 -12.98 15.44 -34.24
N LEU B 123 -13.37 14.54 -33.33
CA LEU B 123 -12.51 14.04 -32.26
C LEU B 123 -11.19 13.46 -32.78
N GLN B 124 -10.07 14.10 -32.42
CA GLN B 124 -8.72 13.64 -32.77
C GLN B 124 -8.29 12.53 -31.80
N GLY B 125 -8.69 12.68 -30.54
CA GLY B 125 -8.35 11.75 -29.47
C GLY B 125 -8.17 12.40 -28.11
N PHE B 126 -7.46 11.67 -27.24
CA PHE B 126 -7.32 11.98 -25.82
C PHE B 126 -5.87 12.21 -25.37
N LEU B 127 -5.69 13.22 -24.50
CA LEU B 127 -4.44 13.53 -23.82
C LEU B 127 -4.64 13.21 -22.35
N VAL B 128 -3.90 12.24 -21.84
CA VAL B 128 -4.08 11.76 -20.46
C VAL B 128 -2.86 12.10 -19.61
N PHE B 129 -3.07 12.86 -18.54
CA PHE B 129 -1.98 13.34 -17.70
C PHE B 129 -2.04 12.69 -16.33
N HIS B 130 -0.93 12.07 -15.92
CA HIS B 130 -0.88 11.30 -14.66
C HIS B 130 0.55 10.96 -14.24
N SER B 131 0.69 10.12 -13.23
CA SER B 131 2.00 9.61 -12.87
C SER B 131 1.94 8.08 -12.80
N PHE B 132 3.09 7.43 -12.88
CA PHE B 132 3.15 5.98 -12.78
C PHE B 132 3.17 5.51 -11.35
N GLY B 133 3.72 6.32 -10.43
CA GLY B 133 3.92 5.99 -9.00
C GLY B 133 2.76 6.05 -8.01
N GLY B 134 1.79 6.95 -8.23
CA GLY B 134 0.67 7.13 -7.31
C GLY B 134 -0.38 6.05 -7.51
N GLY B 135 -1.17 5.80 -6.46
CA GLY B 135 -2.21 4.80 -6.52
C GLY B 135 -3.33 5.15 -7.53
N THR B 136 -3.64 6.45 -7.62
CA THR B 136 -4.64 6.97 -8.53
C THR B 136 -4.07 7.04 -9.94
N GLY B 137 -2.94 7.73 -10.07
CA GLY B 137 -2.23 7.85 -11.34
C GLY B 137 -1.96 6.51 -11.99
N SER B 138 -1.67 5.47 -11.21
CA SER B 138 -1.50 4.12 -11.77
C SER B 138 -2.85 3.36 -11.92
N GLY B 139 -3.41 3.03 -10.75
CA GLY B 139 -4.51 2.10 -10.66
C GLY B 139 -5.72 2.66 -11.38
N PHE B 140 -6.04 3.91 -11.09
CA PHE B 140 -7.23 4.50 -11.72
C PHE B 140 -7.03 4.63 -13.21
N THR B 141 -5.82 5.04 -13.60
CA THR B 141 -5.60 5.35 -15.02
C THR B 141 -5.70 4.11 -15.84
N SER B 142 -5.15 3.00 -15.33
CA SER B 142 -5.19 1.71 -16.03
C SER B 142 -6.62 1.29 -16.28
N LEU B 143 -7.45 1.44 -15.26
CA LEU B 143 -8.88 1.11 -15.37
C LEU B 143 -9.54 1.98 -16.46
N LEU B 144 -9.30 3.29 -16.34
CA LEU B 144 -9.88 4.27 -17.25
C LEU B 144 -9.47 3.98 -18.68
N MET B 145 -8.19 3.66 -18.87
CA MET B 145 -7.64 3.38 -20.19
C MET B 145 -8.34 2.20 -20.81
N GLU B 146 -8.60 1.16 -20.01
CA GLU B 146 -9.29 -0.05 -20.51
C GLU B 146 -10.67 0.32 -21.07
N ARG B 147 -11.42 1.02 -20.23
CA ARG B 147 -12.78 1.45 -20.57
C ARG B 147 -12.79 2.30 -21.82
N LEU B 148 -11.90 3.30 -21.88
CA LEU B 148 -11.80 4.16 -23.06
C LEU B 148 -11.49 3.33 -24.31
N SER B 149 -10.58 2.37 -24.18
CA SER B 149 -10.21 1.50 -25.28
C SER B 149 -11.41 0.73 -25.78
N VAL B 150 -12.22 0.23 -24.85
CA VAL B 150 -13.44 -0.51 -25.18
C VAL B 150 -14.49 0.36 -25.90
N ASP B 151 -14.86 1.44 -25.24
CA ASP B 151 -15.87 2.36 -25.78
C ASP B 151 -15.45 2.92 -27.14
N TYR B 152 -14.23 3.43 -27.27
CA TYR B 152 -13.81 4.16 -28.48
C TYR B 152 -12.83 3.38 -29.36
N GLY B 153 -11.74 2.93 -28.77
CA GLY B 153 -10.78 2.06 -29.45
C GLY B 153 -9.93 2.72 -30.51
N LYS B 154 -10.53 2.98 -31.67
CA LYS B 154 -9.80 3.48 -32.83
C LYS B 154 -9.37 4.95 -32.68
N LYS B 155 -10.07 5.72 -31.85
CA LYS B 155 -9.64 7.08 -31.49
C LYS B 155 -8.33 7.02 -30.70
N SER B 156 -7.41 7.91 -31.07
CA SER B 156 -6.05 7.91 -30.54
C SER B 156 -5.97 8.19 -29.05
N LYS B 157 -5.00 7.53 -28.40
CA LYS B 157 -4.72 7.72 -26.97
C LYS B 157 -3.26 8.11 -26.77
N LEU B 158 -3.07 9.24 -26.08
CA LEU B 158 -1.76 9.79 -25.73
C LEU B 158 -1.69 10.00 -24.22
N GLU B 159 -0.63 9.50 -23.60
CA GLU B 159 -0.40 9.73 -22.17
C GLU B 159 0.93 10.44 -21.90
N PHE B 160 0.86 11.43 -21.02
CA PHE B 160 2.01 12.22 -20.58
C PHE B 160 2.22 11.87 -19.12
N SER B 161 3.31 11.16 -18.84
CA SER B 161 3.48 10.44 -17.58
C SER B 161 4.77 10.84 -16.88
N ILE B 162 4.64 11.11 -15.58
CA ILE B 162 5.75 11.42 -14.71
C ILE B 162 6.32 10.10 -14.22
N TYR B 163 7.41 9.69 -14.87
CA TYR B 163 8.10 8.45 -14.57
C TYR B 163 8.92 8.62 -13.29
N PRO B 164 9.07 7.55 -12.49
CA PRO B 164 9.88 7.65 -11.27
C PRO B 164 11.38 7.68 -11.56
N ALA B 165 12.11 8.50 -10.80
CA ALA B 165 13.55 8.67 -11.01
C ALA B 165 14.35 7.45 -10.53
N PRO B 166 15.61 7.34 -10.98
CA PRO B 166 16.52 6.34 -10.40
C PRO B 166 16.91 6.63 -8.95
N GLN B 167 17.34 7.86 -8.68
CA GLN B 167 17.85 8.26 -7.37
C GLN B 167 16.76 8.92 -6.55
N VAL B 168 16.27 10.05 -7.04
CA VAL B 168 15.37 10.91 -6.29
C VAL B 168 13.94 10.42 -6.45
N SER B 169 13.57 9.45 -5.61
CA SER B 169 12.19 9.00 -5.52
C SER B 169 11.59 9.57 -4.24
N THR B 170 10.37 10.10 -4.34
CA THR B 170 9.68 10.67 -3.18
C THR B 170 8.94 9.62 -2.33
N ALA B 171 8.48 8.53 -2.97
CA ALA B 171 7.71 7.48 -2.29
C ALA B 171 8.41 6.13 -2.36
N VAL B 172 7.99 5.21 -1.48
CA VAL B 172 8.74 3.99 -1.22
C VAL B 172 8.27 2.91 -2.19
N VAL B 173 6.95 2.85 -2.33
CA VAL B 173 6.29 1.77 -3.11
C VAL B 173 6.23 2.00 -4.66
N GLU B 174 6.84 3.09 -5.14
CA GLU B 174 6.82 3.46 -6.56
C GLU B 174 7.06 2.37 -7.58
N PRO B 175 8.12 1.54 -7.38
CA PRO B 175 8.37 0.44 -8.31
C PRO B 175 7.21 -0.53 -8.52
N TYR B 176 6.43 -0.80 -7.47
CA TYR B 176 5.31 -1.73 -7.60
C TYR B 176 4.23 -1.15 -8.52
N ASN B 177 3.86 0.09 -8.22
CA ASN B 177 2.85 0.79 -8.98
C ASN B 177 3.25 0.92 -10.45
N SER B 178 4.53 1.29 -10.64
CA SER B 178 5.07 1.51 -11.97
C SER B 178 4.98 0.24 -12.80
N ILE B 179 5.37 -0.86 -12.20
CA ILE B 179 5.37 -2.16 -12.87
C ILE B 179 3.93 -2.53 -13.23
N LEU B 180 3.01 -2.29 -12.30
CA LEU B 180 1.63 -2.71 -12.50
C LEU B 180 0.94 -1.92 -13.61
N THR B 181 1.13 -0.62 -13.61
CA THR B 181 0.53 0.21 -14.63
C THR B 181 1.12 -0.06 -16.02
N THR B 182 2.41 -0.42 -16.07
CA THR B 182 3.05 -0.68 -17.36
C THR B 182 2.35 -1.77 -18.15
N HIS B 183 1.93 -2.84 -17.47
CA HIS B 183 1.23 -3.95 -18.07
C HIS B 183 0.00 -3.54 -18.86
N THR B 184 -0.87 -2.73 -18.23
CA THR B 184 -2.07 -2.22 -18.90
C THR B 184 -1.75 -1.16 -19.96
N THR B 185 -0.74 -0.34 -19.65
CA THR B 185 -0.26 0.70 -20.56
C THR B 185 0.12 0.11 -21.93
N LEU B 186 0.89 -0.97 -21.88
CA LEU B 186 1.34 -1.65 -23.10
C LEU B 186 0.15 -2.16 -23.90
N GLU B 187 -0.81 -2.73 -23.19
CA GLU B 187 -2.02 -3.26 -23.80
C GLU B 187 -2.77 -2.18 -24.54
N HIS B 188 -2.90 -1.02 -23.89
CA HIS B 188 -3.86 0.00 -24.37
C HIS B 188 -3.34 1.26 -25.08
N SER B 189 -2.68 2.15 -24.36
CA SER B 189 -2.28 3.46 -24.91
C SER B 189 -1.39 3.30 -26.14
N ASP B 190 -1.54 4.23 -27.07
CA ASP B 190 -0.97 4.11 -28.41
C ASP B 190 0.40 4.75 -28.52
N CYS B 191 0.65 5.80 -27.74
CA CYS B 191 2.00 6.36 -27.57
C CYS B 191 2.08 7.05 -26.24
N ALA B 192 3.20 6.85 -25.52
CA ALA B 192 3.35 7.34 -24.16
C ALA B 192 4.66 8.08 -23.99
N PHE B 193 4.57 9.33 -23.54
CA PHE B 193 5.73 10.20 -23.40
C PHE B 193 6.17 10.23 -21.95
N MET B 194 7.28 9.56 -21.66
CA MET B 194 7.80 9.53 -20.29
C MET B 194 8.59 10.80 -20.01
N VAL B 195 8.51 11.25 -18.76
CA VAL B 195 9.30 12.38 -18.25
C VAL B 195 9.77 12.09 -16.81
N ASP B 196 10.93 12.65 -16.45
CA ASP B 196 11.52 12.46 -15.12
C ASP B 196 11.82 13.78 -14.42
N ASN B 197 11.29 13.93 -13.19
CA ASN B 197 11.46 15.15 -12.40
C ASN B 197 12.90 15.55 -12.12
N GLU B 198 13.75 14.54 -11.91
CA GLU B 198 15.17 14.79 -11.62
C GLU B 198 15.83 15.53 -12.78
N ALA B 199 15.53 15.05 -13.99
CA ALA B 199 16.08 15.63 -15.21
C ALA B 199 15.62 17.08 -15.34
N ILE B 200 14.34 17.31 -15.05
CA ILE B 200 13.76 18.65 -15.13
C ILE B 200 14.49 19.58 -14.15
N TYR B 201 14.74 19.08 -12.94
CA TYR B 201 15.42 19.83 -11.89
C TYR B 201 16.80 20.23 -12.35
N ASP B 202 17.52 19.27 -12.91
CA ASP B 202 18.88 19.51 -13.43
C ASP B 202 18.86 20.64 -14.47
N ILE B 203 17.89 20.54 -15.37
CA ILE B 203 17.74 21.51 -16.45
C ILE B 203 17.50 22.90 -15.88
N CYS B 204 16.64 22.97 -14.86
CA CYS B 204 16.22 24.26 -14.30
C CYS B 204 17.41 24.93 -13.61
N ARG B 205 18.22 24.13 -12.89
CA ARG B 205 19.43 24.63 -12.22
C ARG B 205 20.52 25.02 -13.18
N ARG B 206 20.88 24.12 -14.10
CA ARG B 206 21.93 24.34 -15.08
C ARG B 206 21.59 25.37 -16.19
N ASN B 207 20.47 25.17 -16.90
CA ASN B 207 20.08 26.04 -18.02
C ASN B 207 19.31 27.32 -17.64
N LEU B 208 18.49 27.28 -16.59
CA LEU B 208 17.69 28.45 -16.20
C LEU B 208 18.26 29.26 -15.02
N ASP B 209 19.36 28.78 -14.43
CA ASP B 209 20.06 29.42 -13.30
C ASP B 209 19.17 29.56 -12.04
N ILE B 210 18.27 28.60 -11.82
CA ILE B 210 17.40 28.60 -10.64
C ILE B 210 18.03 27.69 -9.60
N GLU B 211 18.43 28.28 -8.47
CA GLU B 211 18.91 27.52 -7.28
C GLU B 211 17.88 26.48 -6.80
N ARG B 212 16.63 26.94 -6.60
CA ARG B 212 15.59 26.16 -5.95
C ARG B 212 14.29 26.13 -6.80
N PRO B 213 14.21 25.17 -7.74
CA PRO B 213 12.97 24.96 -8.48
C PRO B 213 11.92 24.20 -7.64
N THR B 214 10.70 24.73 -7.62
CA THR B 214 9.54 24.02 -7.06
C THR B 214 8.72 23.41 -8.21
N TYR B 215 7.70 22.63 -7.85
CA TYR B 215 6.89 21.89 -8.82
C TYR B 215 6.28 22.79 -9.87
N THR B 216 5.87 23.99 -9.46
CA THR B 216 5.33 25.00 -10.37
C THR B 216 6.30 25.30 -11.52
N ASN B 217 7.59 25.24 -11.24
CA ASN B 217 8.59 25.44 -12.28
C ASN B 217 8.66 24.28 -13.26
N LEU B 218 8.58 23.05 -12.76
CA LEU B 218 8.61 21.88 -13.61
C LEU B 218 7.38 21.87 -14.54
N ASN B 219 6.22 22.07 -13.91
CA ASN B 219 4.93 21.98 -14.58
C ASN B 219 4.86 22.91 -15.76
N ARG B 220 5.32 24.14 -15.57
CA ARG B 220 5.35 25.15 -16.62
C ARG B 220 6.13 24.66 -17.84
N LEU B 221 7.29 24.09 -17.56
CA LEU B 221 8.17 23.55 -18.61
C LEU B 221 7.46 22.43 -19.35
N ILE B 222 6.81 21.56 -18.57
CA ILE B 222 6.11 20.39 -19.12
C ILE B 222 4.99 20.80 -20.07
N SER B 223 4.23 21.79 -19.63
CA SER B 223 3.16 22.39 -20.42
C SER B 223 3.63 22.88 -21.77
N GLN B 224 4.84 23.45 -21.82
CA GLN B 224 5.43 23.93 -23.05
C GLN B 224 5.52 22.83 -24.08
N ILE B 225 5.98 21.66 -23.64
CA ILE B 225 6.09 20.48 -24.52
C ILE B 225 4.73 20.13 -25.12
N VAL B 226 3.71 20.14 -24.27
CA VAL B 226 2.35 19.82 -24.70
C VAL B 226 1.87 20.82 -25.74
N SER B 227 2.16 22.10 -25.47
CA SER B 227 1.82 23.19 -26.39
C SER B 227 2.46 22.96 -27.76
N SER B 228 3.73 22.56 -27.75
CA SER B 228 4.44 22.31 -29.01
C SER B 228 3.76 21.19 -29.80
N ILE B 229 3.37 20.14 -29.08
CA ILE B 229 2.71 18.98 -29.67
C ILE B 229 1.41 19.41 -30.32
N THR B 230 0.62 20.20 -29.59
CA THR B 230 -0.76 20.61 -30.06
C THR B 230 -0.86 21.94 -30.87
N ALA B 231 0.24 22.70 -30.96
CA ALA B 231 0.29 23.94 -31.74
C ALA B 231 -0.01 23.72 -33.22
N SER B 232 0.34 22.54 -33.75
CA SER B 232 0.08 22.16 -35.15
C SER B 232 -1.42 22.06 -35.46
N LEU B 233 -2.22 21.80 -34.40
CA LEU B 233 -3.70 21.73 -34.44
C LEU B 233 -4.35 23.05 -34.10
N ARG B 234 -3.72 23.81 -33.19
CA ARG B 234 -4.25 25.12 -32.70
C ARG B 234 -3.80 26.34 -33.50
N PHE B 235 -2.85 26.16 -34.42
CA PHE B 235 -2.41 27.23 -35.31
C PHE B 235 -2.20 26.71 -36.71
N ASP B 236 -2.06 27.65 -37.64
CA ASP B 236 -1.87 27.32 -39.07
C ASP B 236 -0.48 27.72 -39.48
N GLY B 237 0.40 26.72 -39.53
CA GLY B 237 1.79 26.90 -39.93
C GLY B 237 2.08 26.63 -41.40
N ALA B 238 3.36 26.66 -41.73
CA ALA B 238 3.85 26.38 -43.09
C ALA B 238 3.80 24.89 -43.42
N LEU B 239 4.24 24.06 -42.48
CA LEU B 239 4.28 22.62 -42.64
C LEU B 239 3.80 21.99 -41.33
N ASN B 240 2.75 21.15 -41.39
CA ASN B 240 2.00 20.72 -40.19
C ASN B 240 1.98 19.22 -39.90
N VAL B 241 1.67 18.91 -38.65
CA VAL B 241 1.65 17.55 -38.12
C VAL B 241 0.38 17.32 -37.31
N ASP B 242 -0.38 16.27 -37.67
CA ASP B 242 -1.53 15.79 -36.90
C ASP B 242 -1.12 14.63 -36.00
N LEU B 243 -1.99 14.25 -35.08
CA LEU B 243 -1.67 13.26 -34.04
C LEU B 243 -1.53 11.87 -34.65
N THR B 244 -2.45 11.54 -35.56
CA THR B 244 -2.39 10.30 -36.33
C THR B 244 -1.09 10.22 -37.12
N GLU B 245 -0.74 11.33 -37.75
CA GLU B 245 0.49 11.45 -38.52
C GLU B 245 1.70 11.14 -37.66
N PHE B 246 1.70 11.76 -36.48
CA PHE B 246 2.74 11.62 -35.47
C PHE B 246 2.92 10.15 -35.11
N GLN B 247 1.80 9.51 -34.85
CA GLN B 247 1.76 8.09 -34.47
C GLN B 247 2.38 7.24 -35.56
N THR B 248 1.97 7.54 -36.80
CA THR B 248 2.45 6.81 -37.97
C THR B 248 3.96 6.94 -38.09
N ASN B 249 4.45 8.15 -37.89
CA ASN B 249 5.87 8.39 -38.07
C ASN B 249 6.67 7.76 -36.94
N LEU B 250 6.27 8.02 -35.70
CA LEU B 250 7.16 7.83 -34.56
C LEU B 250 7.16 6.43 -33.93
N VAL B 251 6.12 5.65 -34.18
CA VAL B 251 5.97 4.31 -33.58
C VAL B 251 6.18 3.18 -34.62
N PRO B 252 7.37 2.56 -34.64
CA PRO B 252 7.66 1.58 -35.69
C PRO B 252 7.03 0.20 -35.52
N TYR B 253 6.80 -0.20 -34.26
CA TYR B 253 6.11 -1.47 -33.92
C TYR B 253 5.12 -1.16 -32.80
N PRO B 254 3.99 -1.90 -32.75
CA PRO B 254 2.94 -1.57 -31.77
C PRO B 254 3.37 -1.43 -30.30
N ARG B 255 4.24 -2.32 -29.81
CA ARG B 255 4.74 -2.31 -28.43
C ARG B 255 5.74 -1.18 -28.13
N ILE B 256 6.50 -0.77 -29.16
CA ILE B 256 7.59 0.21 -29.03
C ILE B 256 6.98 1.58 -29.22
N HIS B 257 6.23 2.00 -28.22
CA HIS B 257 5.56 3.29 -28.30
C HIS B 257 5.92 4.23 -27.16
N PHE B 258 7.19 4.25 -26.80
CA PHE B 258 7.68 5.15 -25.72
C PHE B 258 8.75 6.13 -26.19
N PRO B 259 8.35 7.23 -26.85
CA PRO B 259 9.32 8.21 -27.27
C PRO B 259 9.53 9.26 -26.18
N LEU B 260 10.79 9.50 -25.83
CA LEU B 260 11.13 10.48 -24.82
C LEU B 260 11.37 11.84 -25.50
N ALA B 261 10.74 12.86 -24.93
CA ALA B 261 10.76 14.21 -25.47
C ALA B 261 11.88 15.09 -24.94
N THR B 262 12.06 16.23 -25.60
CA THR B 262 12.95 17.28 -25.13
C THR B 262 12.68 18.60 -25.80
N TYR B 263 12.98 19.66 -25.08
CA TYR B 263 12.70 21.01 -25.53
C TYR B 263 13.98 21.85 -25.65
N ALA B 264 13.95 22.79 -26.59
CA ALA B 264 15.04 23.76 -26.79
C ALA B 264 14.55 25.07 -27.42
N PRO B 265 15.03 26.24 -26.93
CA PRO B 265 15.98 26.48 -25.86
C PRO B 265 15.30 26.69 -24.49
N VAL B 266 15.93 26.22 -23.42
CA VAL B 266 15.48 26.50 -22.06
C VAL B 266 16.58 27.39 -21.47
N ILE B 267 16.33 28.69 -21.45
CA ILE B 267 17.34 29.69 -21.08
C ILE B 267 16.79 30.79 -20.20
N SER B 268 17.70 31.47 -19.51
CA SER B 268 17.36 32.56 -18.64
C SER B 268 17.06 33.80 -19.47
N ALA B 269 16.55 34.83 -18.81
CA ALA B 269 16.27 36.11 -19.45
C ALA B 269 17.57 36.78 -19.91
N GLU B 270 18.56 36.83 -19.01
CA GLU B 270 19.83 37.47 -19.31
C GLU B 270 20.65 36.66 -20.31
N LYS B 271 20.76 35.36 -20.08
CA LYS B 271 21.57 34.48 -20.94
C LYS B 271 21.07 34.37 -22.39
N ALA B 272 19.83 34.81 -22.65
CA ALA B 272 19.29 34.93 -24.01
C ALA B 272 19.87 36.09 -24.81
N TYR B 273 20.21 37.20 -24.14
CA TYR B 273 20.72 38.38 -24.84
C TYR B 273 22.02 38.13 -25.58
N HIS B 274 22.92 37.39 -24.94
CA HIS B 274 24.23 37.11 -25.52
C HIS B 274 24.22 36.02 -26.59
N GLU B 275 23.42 34.98 -26.38
CA GLU B 275 23.30 33.89 -27.34
C GLU B 275 22.49 34.31 -28.57
N GLN B 276 22.97 33.93 -29.75
CA GLN B 276 22.27 34.12 -31.02
C GLN B 276 21.52 32.82 -31.33
N LEU B 277 20.38 32.61 -30.66
CA LEU B 277 19.68 31.33 -30.69
C LEU B 277 19.11 30.97 -32.07
N SER B 278 19.97 30.46 -32.94
CA SER B 278 19.61 30.12 -34.32
C SER B 278 18.93 28.75 -34.38
N VAL B 279 18.35 28.44 -35.54
CA VAL B 279 17.71 27.15 -35.81
C VAL B 279 18.72 26.00 -35.65
N ALA B 280 19.91 26.21 -36.21
CA ALA B 280 20.98 25.24 -36.17
C ALA B 280 21.37 24.96 -34.72
N GLU B 281 21.61 26.03 -33.98
CA GLU B 281 21.95 25.94 -32.56
C GLU B 281 20.96 25.11 -31.73
N ILE B 282 19.69 25.50 -31.80
CA ILE B 282 18.65 24.84 -31.00
C ILE B 282 18.55 23.37 -31.38
N THR B 283 18.63 23.09 -32.68
CA THR B 283 18.58 21.72 -33.19
C THR B 283 19.72 20.90 -32.60
N ASN B 284 20.92 21.50 -32.61
CA ASN B 284 22.12 20.85 -32.07
C ASN B 284 21.94 20.53 -30.60
N ALA B 285 21.39 21.50 -29.88
CA ALA B 285 21.13 21.38 -28.44
C ALA B 285 20.12 20.28 -28.11
N CYS B 286 19.15 20.10 -29.01
CA CYS B 286 18.16 19.04 -28.86
C CYS B 286 18.80 17.66 -28.70
N PHE B 287 19.87 17.37 -29.47
CA PHE B 287 20.47 16.04 -29.54
C PHE B 287 21.60 15.81 -28.53
N GLU B 288 21.69 16.70 -27.53
CA GLU B 288 22.64 16.60 -26.42
C GLU B 288 21.98 15.90 -25.23
N PRO B 289 22.68 14.91 -24.61
CA PRO B 289 22.10 14.19 -23.44
C PRO B 289 21.70 15.00 -22.18
N ALA B 290 22.39 16.11 -21.94
CA ALA B 290 22.15 16.96 -20.76
C ALA B 290 20.79 17.68 -20.73
N ASN B 291 20.16 17.86 -21.90
CA ASN B 291 18.87 18.55 -22.00
C ASN B 291 17.68 17.61 -22.07
N GLN B 292 17.92 16.30 -21.91
CA GLN B 292 16.86 15.27 -21.93
C GLN B 292 15.92 15.34 -20.71
N MET B 293 14.68 14.89 -20.92
CA MET B 293 13.61 14.92 -19.92
C MET B 293 13.58 13.62 -19.14
N VAL B 294 14.34 12.61 -19.60
CA VAL B 294 14.49 11.32 -18.91
C VAL B 294 15.97 11.04 -18.75
N LYS B 295 16.36 10.56 -17.57
CA LYS B 295 17.77 10.28 -17.28
C LYS B 295 18.16 8.97 -17.93
N CYS B 296 19.16 9.04 -18.81
CA CYS B 296 19.67 7.93 -19.62
C CYS B 296 20.73 8.48 -20.58
N ASP B 297 21.50 7.57 -21.18
CA ASP B 297 22.53 7.93 -22.16
C ASP B 297 22.17 7.45 -23.59
N PRO B 298 21.68 8.38 -24.44
CA PRO B 298 21.43 8.06 -25.86
C PRO B 298 22.67 7.60 -26.64
N ARG B 299 23.87 8.06 -26.24
CA ARG B 299 25.15 7.67 -26.84
C ARG B 299 25.36 6.16 -26.79
N HIS B 300 24.78 5.53 -25.77
CA HIS B 300 24.80 4.09 -25.55
C HIS B 300 23.60 3.36 -26.19
N GLY B 301 22.67 4.12 -26.78
CA GLY B 301 21.51 3.58 -27.51
C GLY B 301 21.48 3.95 -28.98
N LYS B 302 20.41 3.56 -29.68
CA LYS B 302 20.24 3.92 -31.09
C LYS B 302 18.89 4.55 -31.31
N TYR B 303 18.84 5.55 -32.18
CA TYR B 303 17.58 6.25 -32.52
C TYR B 303 16.82 5.45 -33.58
N MET B 304 15.49 5.37 -33.45
CA MET B 304 14.67 4.63 -34.39
C MET B 304 13.83 5.58 -35.21
N ALA B 305 13.37 6.65 -34.56
CA ALA B 305 12.76 7.77 -35.26
C ALA B 305 12.83 9.00 -34.39
N CYS B 306 13.09 10.14 -35.02
CA CYS B 306 12.92 11.41 -34.34
C CYS B 306 11.98 12.31 -35.12
N CYS B 307 11.11 12.96 -34.36
CA CYS B 307 10.20 13.99 -34.84
C CYS B 307 10.64 15.33 -34.27
N LEU B 308 10.85 16.31 -35.16
CA LEU B 308 11.27 17.65 -34.77
C LEU B 308 10.11 18.59 -35.04
N LEU B 309 9.60 19.23 -33.99
CA LEU B 309 8.51 20.20 -34.11
C LEU B 309 9.02 21.60 -33.82
N TYR B 310 9.26 22.38 -34.87
CA TYR B 310 9.74 23.76 -34.76
C TYR B 310 8.57 24.73 -34.66
N ARG B 311 8.77 25.84 -33.94
CA ARG B 311 7.76 26.87 -33.83
C ARG B 311 8.33 28.28 -33.77
N GLY B 312 7.65 29.18 -34.49
CA GLY B 312 8.05 30.59 -34.56
C GLY B 312 8.73 30.94 -35.89
N ASP B 313 9.68 31.87 -35.83
CA ASP B 313 10.38 32.39 -37.02
C ASP B 313 11.41 31.38 -37.53
N VAL B 314 10.92 30.35 -38.23
CA VAL B 314 11.74 29.28 -38.79
C VAL B 314 11.45 29.08 -40.27
N VAL B 315 12.51 28.89 -41.05
CA VAL B 315 12.41 28.62 -42.51
C VAL B 315 12.97 27.23 -42.85
N PRO B 316 12.31 26.49 -43.76
CA PRO B 316 12.63 25.07 -43.96
C PRO B 316 14.08 24.78 -44.27
N LYS B 317 14.72 25.63 -45.09
CA LYS B 317 16.05 25.38 -45.63
C LYS B 317 17.11 25.18 -44.55
N ASP B 318 17.03 26.04 -43.53
CA ASP B 318 18.01 26.01 -42.44
C ASP B 318 17.75 24.82 -41.51
N VAL B 319 16.48 24.44 -41.35
CA VAL B 319 16.10 23.19 -40.65
C VAL B 319 16.74 22.01 -41.36
N ASN B 320 16.63 22.02 -42.69
CA ASN B 320 17.20 20.93 -43.51
C ASN B 320 18.70 20.85 -43.30
N ALA B 321 19.35 22.02 -43.30
CA ALA B 321 20.79 22.12 -43.08
C ALA B 321 21.18 21.49 -41.74
N ALA B 322 20.41 21.84 -40.72
CA ALA B 322 20.62 21.35 -39.36
C ALA B 322 20.53 19.84 -39.34
N ILE B 323 19.50 19.33 -40.00
CA ILE B 323 19.26 17.89 -40.07
C ILE B 323 20.44 17.19 -40.73
N ALA B 324 20.93 17.78 -41.81
CA ALA B 324 22.07 17.27 -42.57
C ALA B 324 23.28 17.18 -41.66
N THR B 325 23.51 18.25 -40.89
CA THR B 325 24.64 18.30 -39.97
C THR B 325 24.55 17.19 -38.94
N ILE B 326 23.33 17.02 -38.40
CA ILE B 326 23.06 16.00 -37.40
C ILE B 326 23.37 14.61 -37.97
N LYS B 327 23.00 14.39 -39.23
CA LYS B 327 23.24 13.13 -39.93
C LYS B 327 24.71 12.76 -39.91
N THR B 328 25.59 13.74 -40.12
CA THR B 328 27.01 13.54 -40.26
C THR B 328 27.77 13.37 -38.94
N LYS B 329 27.07 13.55 -37.82
CA LYS B 329 27.60 13.29 -36.46
C LYS B 329 27.54 11.80 -36.02
N ARG B 330 28.73 11.17 -36.10
CA ARG B 330 28.97 9.74 -35.77
C ARG B 330 28.48 9.30 -34.38
N SER B 331 28.55 10.20 -33.39
CA SER B 331 28.09 9.96 -31.98
C SER B 331 26.57 9.87 -31.80
N ILE B 332 25.81 10.29 -32.82
CA ILE B 332 24.33 10.16 -32.87
C ILE B 332 24.04 9.09 -33.90
N GLN B 333 23.74 7.86 -33.44
CA GLN B 333 23.51 6.74 -34.37
C GLN B 333 22.03 6.36 -34.45
N PHE B 334 21.59 6.13 -35.69
CA PHE B 334 20.25 5.65 -36.01
C PHE B 334 20.35 4.18 -36.44
N VAL B 335 19.34 3.37 -36.11
CA VAL B 335 19.33 1.94 -36.47
C VAL B 335 19.36 1.79 -38.00
N ASP B 336 19.98 0.72 -38.51
CA ASP B 336 20.17 0.52 -39.96
C ASP B 336 18.89 0.26 -40.76
N TRP B 337 17.85 -0.25 -40.06
CA TRP B 337 16.55 -0.57 -40.70
C TRP B 337 15.65 0.65 -40.93
N CYS B 338 16.12 1.83 -40.49
CA CYS B 338 15.46 3.10 -40.77
C CYS B 338 16.45 4.18 -41.23
N PRO B 339 16.80 4.21 -42.54
CA PRO B 339 17.74 5.23 -43.05
C PRO B 339 17.24 6.69 -42.93
N THR B 340 15.93 6.87 -43.08
CA THR B 340 15.27 8.16 -43.00
C THR B 340 14.56 8.22 -41.66
N GLY B 341 15.18 8.85 -40.67
CA GLY B 341 14.65 8.90 -39.28
C GLY B 341 14.04 10.19 -38.78
N PHE B 342 13.68 11.09 -39.70
CA PHE B 342 13.15 12.39 -39.36
C PHE B 342 11.72 12.63 -39.86
N LYS B 343 10.86 13.02 -38.93
CA LYS B 343 9.62 13.72 -39.24
C LYS B 343 9.74 15.16 -38.71
N VAL B 344 9.41 16.11 -39.57
CA VAL B 344 9.66 17.53 -39.31
C VAL B 344 8.38 18.33 -39.43
N GLY B 345 8.07 19.10 -38.39
CA GLY B 345 6.95 20.03 -38.38
C GLY B 345 7.46 21.42 -38.13
N ILE B 346 6.89 22.39 -38.84
CA ILE B 346 7.21 23.80 -38.68
C ILE B 346 5.91 24.62 -38.58
N ASN B 347 5.76 25.32 -37.45
CA ASN B 347 4.59 26.13 -37.13
C ASN B 347 5.00 27.60 -36.93
N TYR B 348 4.17 28.51 -37.42
CA TYR B 348 4.47 29.95 -37.43
C TYR B 348 4.48 30.67 -36.08
N GLN B 349 3.68 30.19 -35.12
CA GLN B 349 3.53 30.87 -33.85
C GLN B 349 4.70 30.66 -32.86
N PRO B 350 5.37 31.75 -32.45
CA PRO B 350 6.47 31.62 -31.48
C PRO B 350 5.96 31.12 -30.13
N PRO B 351 6.82 30.45 -29.33
CA PRO B 351 6.36 29.99 -28.02
C PRO B 351 5.98 31.18 -27.12
N THR B 352 4.76 31.14 -26.61
CA THR B 352 4.26 32.16 -25.68
C THR B 352 4.74 31.82 -24.29
N VAL B 353 4.98 32.86 -23.49
CA VAL B 353 5.53 32.70 -22.14
C VAL B 353 4.61 33.23 -21.04
N VAL B 354 4.51 32.46 -19.96
CA VAL B 354 3.57 32.74 -18.89
C VAL B 354 4.19 33.85 -18.04
N PRO B 355 3.43 34.93 -17.76
CA PRO B 355 3.91 35.95 -16.82
C PRO B 355 4.36 35.35 -15.49
N GLY B 356 5.58 35.69 -15.09
CA GLY B 356 6.21 35.19 -13.87
C GLY B 356 6.86 33.83 -14.04
N GLY B 357 7.04 33.40 -15.29
CA GLY B 357 7.67 32.14 -15.62
C GLY B 357 9.19 32.24 -15.58
N ASP B 358 9.85 31.08 -15.61
CA ASP B 358 11.32 30.98 -15.60
C ASP B 358 11.96 31.15 -16.99
N LEU B 359 11.19 30.88 -18.05
CA LEU B 359 11.68 30.91 -19.44
C LEU B 359 11.58 32.28 -20.09
N ALA B 360 12.60 32.64 -20.85
CA ALA B 360 12.64 33.89 -21.60
C ALA B 360 11.86 33.74 -22.90
N LYS B 361 11.45 34.89 -23.45
CA LYS B 361 10.68 34.97 -24.70
C LYS B 361 11.65 34.83 -25.84
N VAL B 362 11.41 33.86 -26.73
CA VAL B 362 12.32 33.58 -27.83
C VAL B 362 11.58 33.64 -29.17
N GLN B 363 12.32 33.92 -30.25
CA GLN B 363 11.76 33.93 -31.61
C GLN B 363 11.53 32.53 -32.13
N ARG B 364 12.34 31.57 -31.67
CA ARG B 364 12.33 30.20 -32.16
C ARG B 364 12.35 29.19 -31.03
N ALA B 365 11.67 28.07 -31.22
CA ALA B 365 11.84 26.93 -30.31
C ALA B 365 11.56 25.64 -31.02
N VAL B 366 11.87 24.53 -30.36
CA VAL B 366 11.78 23.18 -30.90
C VAL B 366 11.41 22.19 -29.80
N CYS B 367 10.62 21.19 -30.18
CA CYS B 367 10.30 20.06 -29.35
C CYS B 367 10.64 18.81 -30.15
N MET B 368 11.61 18.05 -29.65
CA MET B 368 12.01 16.82 -30.32
C MET B 368 11.39 15.64 -29.62
N LEU B 369 10.75 14.75 -30.37
CA LEU B 369 10.23 13.50 -29.82
C LEU B 369 10.96 12.40 -30.49
N SER B 370 11.76 11.64 -29.74
CA SER B 370 12.62 10.58 -30.30
C SER B 370 12.41 9.22 -29.66
N ASN B 371 12.30 8.18 -30.46
CA ASN B 371 12.21 6.82 -29.97
C ASN B 371 13.63 6.22 -29.98
N THR B 372 14.16 5.89 -28.81
CA THR B 372 15.52 5.39 -28.67
C THR B 372 15.64 4.21 -27.71
N THR B 373 16.51 3.28 -28.08
CA THR B 373 16.64 2.03 -27.37
C THR B 373 17.18 2.21 -25.96
N ALA B 374 17.82 3.37 -25.71
CA ALA B 374 18.43 3.73 -24.42
C ALA B 374 17.42 3.84 -23.29
N ILE B 375 16.14 4.07 -23.62
CA ILE B 375 15.07 4.10 -22.62
C ILE B 375 14.93 2.80 -21.83
N ALA B 376 15.31 1.69 -22.48
CA ALA B 376 15.32 0.35 -21.88
C ALA B 376 16.09 0.29 -20.59
N GLU B 377 17.11 1.14 -20.48
CA GLU B 377 17.92 1.25 -19.26
C GLU B 377 17.11 1.62 -18.02
N ALA B 378 16.17 2.55 -18.22
CA ALA B 378 15.27 2.97 -17.14
C ALA B 378 14.48 1.78 -16.62
N TRP B 379 13.95 1.01 -17.57
CA TRP B 379 13.14 -0.16 -17.25
C TRP B 379 13.99 -1.17 -16.48
N ALA B 380 15.22 -1.36 -16.91
CA ALA B 380 16.17 -2.25 -16.22
C ALA B 380 16.34 -1.85 -14.76
N ARG B 381 16.58 -0.56 -14.51
CA ARG B 381 16.79 -0.16 -13.12
C ARG B 381 15.50 -0.35 -12.31
N LEU B 382 14.37 -0.02 -12.94
CA LEU B 382 13.08 -0.12 -12.25
C LEU B 382 12.80 -1.57 -11.89
N ASP B 383 13.06 -2.44 -12.85
CA ASP B 383 12.89 -3.90 -12.68
C ASP B 383 13.73 -4.38 -11.54
N HIS B 384 14.99 -3.93 -11.50
CA HIS B 384 15.93 -4.31 -10.44
C HIS B 384 15.37 -3.92 -9.07
N LYS B 385 14.88 -2.68 -9.02
CA LYS B 385 14.29 -2.14 -7.78
C LYS B 385 13.12 -3.00 -7.32
N PHE B 386 12.27 -3.36 -8.27
CA PHE B 386 11.09 -4.18 -8.02
C PHE B 386 11.50 -5.52 -7.44
N ASP B 387 12.53 -6.10 -8.05
CA ASP B 387 12.95 -7.47 -7.75
C ASP B 387 13.50 -7.55 -6.35
N LEU B 388 14.25 -6.53 -5.91
CA LEU B 388 14.76 -6.51 -4.52
C LEU B 388 13.60 -6.61 -3.49
N MET B 389 12.69 -5.68 -3.64
CA MET B 389 11.56 -5.51 -2.74
C MET B 389 10.73 -6.77 -2.70
N TYR B 390 10.47 -7.31 -3.90
CA TYR B 390 9.63 -8.52 -4.01
C TYR B 390 10.30 -9.75 -3.43
N ALA B 391 11.64 -9.78 -3.47
CA ALA B 391 12.42 -10.85 -2.86
C ALA B 391 12.02 -11.06 -1.39
N LYS B 392 11.69 -9.97 -0.70
CA LYS B 392 11.26 -10.04 0.69
C LYS B 392 9.75 -9.91 0.87
N ARG B 393 9.00 -9.78 -0.24
CA ARG B 393 7.54 -9.58 -0.25
C ARG B 393 7.16 -8.28 0.50
N ALA B 394 8.07 -7.31 0.48
CA ALA B 394 7.92 -6.09 1.30
C ALA B 394 6.70 -5.31 0.80
N PHE B 395 5.83 -4.92 1.73
CA PHE B 395 4.59 -4.16 1.47
C PHE B 395 3.46 -4.91 0.76
N VAL B 396 3.72 -6.15 0.34
CA VAL B 396 2.83 -6.89 -0.59
C VAL B 396 1.45 -7.11 0.00
N HIS B 397 1.44 -7.43 1.30
CA HIS B 397 0.22 -7.65 2.06
C HIS B 397 -0.84 -6.57 1.82
N TRP B 398 -0.41 -5.30 1.71
CA TRP B 398 -1.34 -4.18 1.52
C TRP B 398 -2.15 -4.38 0.24
N TYR B 399 -1.42 -4.70 -0.82
CA TYR B 399 -2.01 -4.88 -2.14
C TYR B 399 -3.00 -6.04 -2.09
N VAL B 400 -2.58 -7.13 -1.43
CA VAL B 400 -3.40 -8.33 -1.29
C VAL B 400 -4.71 -7.99 -0.59
N GLY B 401 -4.61 -7.17 0.46
CA GLY B 401 -5.75 -6.73 1.25
C GLY B 401 -6.85 -6.15 0.40
N GLU B 402 -6.47 -5.38 -0.64
CA GLU B 402 -7.41 -4.71 -1.55
C GLU B 402 -7.82 -5.53 -2.78
N GLY B 403 -7.53 -6.83 -2.72
CA GLY B 403 -7.99 -7.81 -3.71
C GLY B 403 -6.99 -8.23 -4.76
N MET B 404 -5.77 -7.72 -4.69
CA MET B 404 -4.73 -8.06 -5.65
C MET B 404 -4.19 -9.45 -5.30
N GLU B 405 -3.79 -10.21 -6.31
CA GLU B 405 -3.24 -11.54 -6.11
C GLU B 405 -1.76 -11.51 -6.42
N GLU B 406 -0.97 -12.34 -5.73
CA GLU B 406 0.50 -12.38 -5.87
C GLU B 406 0.92 -12.71 -7.31
N GLY B 407 0.12 -13.58 -7.94
CA GLY B 407 0.37 -14.01 -9.31
C GLY B 407 0.38 -12.86 -10.30
N GLU B 408 -0.43 -11.83 -10.02
CA GLU B 408 -0.47 -10.63 -10.84
C GLU B 408 0.90 -9.99 -10.90
N PHE B 409 1.58 -9.92 -9.74
CA PHE B 409 2.88 -9.25 -9.65
C PHE B 409 3.89 -9.90 -10.60
N SER B 410 3.91 -11.22 -10.48
CA SER B 410 4.81 -12.07 -11.29
C SER B 410 4.53 -11.86 -12.76
N GLU B 411 3.23 -11.86 -13.10
CA GLU B 411 2.79 -11.67 -14.49
C GLU B 411 3.30 -10.35 -15.03
N ALA B 412 3.14 -9.31 -14.21
CA ALA B 412 3.55 -7.95 -14.57
C ALA B 412 5.04 -7.93 -14.84
N ARG B 413 5.80 -8.57 -13.96
CA ARG B 413 7.26 -8.63 -14.07
C ARG B 413 7.65 -9.28 -15.40
N GLU B 414 6.97 -10.39 -15.69
CA GLU B 414 7.20 -11.17 -16.91
C GLU B 414 6.97 -10.30 -18.14
N ASP B 415 5.88 -9.54 -18.10
CA ASP B 415 5.49 -8.66 -19.18
C ASP B 415 6.59 -7.64 -19.48
N MET B 416 7.13 -7.08 -18.40
CA MET B 416 8.19 -6.08 -18.50
C MET B 416 9.49 -6.68 -19.04
N ALA B 417 9.78 -7.90 -18.59
CA ALA B 417 10.95 -8.64 -19.09
C ALA B 417 10.85 -8.84 -20.60
N ALA B 418 9.65 -9.22 -21.02
CA ALA B 418 9.34 -9.46 -22.44
C ALA B 418 9.55 -8.18 -23.21
N LEU B 419 9.08 -7.06 -22.65
CA LEU B 419 9.19 -5.74 -23.29
C LEU B 419 10.65 -5.31 -23.50
N GLU B 420 11.43 -5.45 -22.43
CA GLU B 420 12.85 -5.16 -22.47
C GLU B 420 13.55 -5.99 -23.54
N LYS B 421 13.21 -7.28 -23.61
CA LYS B 421 13.74 -8.20 -24.62
C LYS B 421 13.39 -7.76 -26.04
N ASP B 422 12.15 -7.29 -26.20
CA ASP B 422 11.68 -6.79 -27.49
C ASP B 422 12.53 -5.59 -27.90
N TYR B 423 12.76 -4.70 -26.95
CA TYR B 423 13.58 -3.50 -27.20
C TYR B 423 14.99 -3.88 -27.61
N GLU B 424 15.54 -4.89 -26.94
CA GLU B 424 16.87 -5.42 -27.21
C GLU B 424 16.95 -5.88 -28.67
N GLU B 425 15.92 -6.59 -29.10
CA GLU B 425 15.90 -7.25 -30.41
C GLU B 425 15.83 -6.29 -31.59
N VAL B 426 15.13 -5.17 -31.39
CA VAL B 426 15.00 -4.16 -32.45
C VAL B 426 16.23 -3.31 -32.65
N GLY B 427 17.10 -3.23 -31.63
CA GLY B 427 18.36 -2.51 -31.71
C GLY B 427 19.50 -3.30 -32.32
N VAL B 428 19.30 -4.60 -32.52
CA VAL B 428 20.31 -5.44 -33.20
C VAL B 428 20.26 -5.17 -34.69
N MET C 1 -15.59 15.69 4.67
CA MET C 1 -14.94 14.43 4.18
C MET C 1 -13.67 14.13 4.96
N ARG C 2 -13.45 12.84 5.20
CA ARG C 2 -12.29 12.33 5.96
C ARG C 2 -12.17 12.74 7.45
N GLU C 3 -13.22 12.46 8.22
CA GLU C 3 -13.29 12.80 9.63
C GLU C 3 -12.51 11.83 10.53
N ILE C 4 -11.78 12.42 11.48
CA ILE C 4 -11.05 11.64 12.49
C ILE C 4 -11.71 11.71 13.86
N VAL C 5 -11.74 10.58 14.56
CA VAL C 5 -12.33 10.51 15.89
C VAL C 5 -11.22 10.37 16.93
N HIS C 6 -11.23 11.30 17.89
CA HIS C 6 -10.19 11.37 18.92
C HIS C 6 -10.65 10.76 20.24
N ILE C 7 -9.81 9.89 20.84
CA ILE C 7 -10.11 9.28 22.14
C ILE C 7 -8.92 9.44 23.09
N GLN C 8 -9.25 9.84 24.31
CA GLN C 8 -8.31 10.09 25.39
C GLN C 8 -8.63 9.22 26.60
N ALA C 9 -7.70 8.39 27.03
CA ALA C 9 -8.01 7.37 28.03
C ALA C 9 -7.01 7.36 29.18
N GLY C 10 -7.46 7.58 30.41
CA GLY C 10 -6.52 7.71 31.56
C GLY C 10 -5.90 9.11 31.66
N GLN C 11 -5.15 9.36 32.73
CA GLN C 11 -4.82 10.74 33.14
C GLN C 11 -3.88 11.35 32.13
N CYS C 12 -2.74 10.69 31.96
CA CYS C 12 -1.71 11.11 31.03
C CYS C 12 -2.24 11.39 29.63
N GLY C 13 -3.00 10.41 29.12
CA GLY C 13 -3.62 10.48 27.81
C GLY C 13 -4.48 11.72 27.69
N ASN C 14 -5.31 11.92 28.71
CA ASN C 14 -6.21 13.08 28.78
C ASN C 14 -5.44 14.37 28.72
N GLN C 15 -4.37 14.42 29.50
CA GLN C 15 -3.54 15.62 29.58
C GLN C 15 -2.94 15.94 28.22
N ILE C 16 -2.44 14.89 27.57
CA ILE C 16 -1.81 15.08 26.25
C ILE C 16 -2.86 15.58 25.25
N GLY C 17 -4.06 14.98 25.34
CA GLY C 17 -5.17 15.32 24.48
C GLY C 17 -5.54 16.76 24.63
N ALA C 18 -5.54 17.27 25.88
CA ALA C 18 -5.89 18.66 26.14
C ALA C 18 -4.95 19.60 25.37
N LYS C 19 -3.66 19.27 25.49
CA LYS C 19 -2.60 20.04 24.84
C LYS C 19 -2.80 20.05 23.33
N PHE C 20 -3.08 18.85 22.81
CA PHE C 20 -3.30 18.61 21.38
C PHE C 20 -4.43 19.51 20.88
N TRP C 21 -5.52 19.49 21.63
CA TRP C 21 -6.71 20.26 21.28
C TRP C 21 -6.39 21.75 21.28
N GLU C 22 -5.65 22.18 22.29
CA GLU C 22 -5.29 23.59 22.45
C GLU C 22 -4.52 24.08 21.24
N VAL C 23 -3.53 23.30 20.85
CA VAL C 23 -2.68 23.66 19.70
C VAL C 23 -3.55 23.73 18.43
N ILE C 24 -4.41 22.71 18.28
CA ILE C 24 -5.12 22.60 17.00
C ILE C 24 -6.15 23.71 16.87
N SER C 25 -6.82 24.08 17.95
CA SER C 25 -7.76 25.17 17.95
C SER C 25 -7.08 26.48 17.56
N ASP C 26 -5.91 26.70 18.12
CA ASP C 26 -5.09 27.89 17.79
C ASP C 26 -4.76 27.93 16.31
N GLU C 27 -4.36 26.77 15.81
CA GLU C 27 -3.98 26.58 14.41
C GLU C 27 -5.12 26.94 13.49
N HIS C 28 -6.33 26.42 13.79
CA HIS C 28 -7.54 26.65 12.99
C HIS C 28 -8.32 27.92 13.35
N GLY C 29 -7.73 28.76 14.21
CA GLY C 29 -8.33 30.03 14.63
C GLY C 29 -9.59 29.90 15.48
N ILE C 30 -9.65 28.85 16.29
CA ILE C 30 -10.79 28.58 17.19
C ILE C 30 -10.43 29.03 18.62
N ASP C 31 -11.31 29.82 19.24
CA ASP C 31 -11.06 30.38 20.57
C ASP C 31 -11.60 29.46 21.68
N PRO C 32 -11.36 29.79 22.97
CA PRO C 32 -11.90 28.97 24.08
C PRO C 32 -13.43 28.77 24.13
N THR C 33 -14.22 29.49 23.31
CA THR C 33 -15.69 29.39 23.29
C THR C 33 -16.20 28.46 22.17
N GLY C 34 -15.32 28.14 21.22
CA GLY C 34 -15.66 27.35 20.02
C GLY C 34 -15.93 28.19 18.77
N SER C 35 -15.78 29.50 18.88
CA SER C 35 -16.01 30.41 17.76
C SER C 35 -14.74 30.61 16.91
N TYR C 36 -14.93 30.66 15.60
CA TYR C 36 -13.84 30.93 14.65
C TYR C 36 -13.57 32.42 14.59
N HIS C 37 -12.34 32.79 14.92
CA HIS C 37 -11.88 34.19 14.83
C HIS C 37 -10.60 34.32 14.03
N GLY C 38 -10.35 33.34 13.16
CA GLY C 38 -9.18 33.33 12.30
C GLY C 38 -9.26 34.33 11.15
N ASP C 39 -8.22 34.40 10.34
CA ASP C 39 -8.18 35.29 9.18
C ASP C 39 -8.38 34.53 7.86
N SER C 40 -7.67 33.41 7.72
CA SER C 40 -7.58 32.66 6.47
C SER C 40 -8.74 31.69 6.31
N ASP C 41 -9.31 31.69 5.10
CA ASP C 41 -10.34 30.73 4.66
C ASP C 41 -9.81 29.28 4.67
N LEU C 42 -8.50 29.09 4.55
CA LEU C 42 -7.85 27.77 4.59
C LEU C 42 -8.00 27.10 5.95
N GLN C 43 -8.07 27.90 7.04
CA GLN C 43 -8.28 27.43 8.42
C GLN C 43 -9.63 26.75 8.63
N LEU C 44 -10.65 27.15 7.88
CA LEU C 44 -12.01 26.59 7.97
C LEU C 44 -12.35 25.54 6.90
N GLU C 45 -11.62 25.55 5.78
CA GLU C 45 -11.90 24.66 4.65
C GLU C 45 -12.08 23.20 5.08
N ARG C 46 -11.13 22.68 5.87
CA ARG C 46 -11.15 21.29 6.31
C ARG C 46 -11.33 21.17 7.83
N ILE C 47 -12.05 22.13 8.44
CA ILE C 47 -12.33 22.16 9.88
C ILE C 47 -13.05 20.89 10.40
N ASN C 48 -13.86 20.27 9.52
CA ASN C 48 -14.65 19.09 9.81
C ASN C 48 -13.87 17.82 10.06
N VAL C 49 -12.57 17.79 9.72
CA VAL C 49 -11.71 16.64 10.02
C VAL C 49 -11.63 16.39 11.54
N TYR C 50 -11.52 17.47 12.32
CA TYR C 50 -11.43 17.35 13.79
C TYR C 50 -12.59 17.97 14.59
N TYR C 51 -13.41 18.81 13.96
CA TYR C 51 -14.48 19.52 14.66
C TYR C 51 -15.85 19.26 14.06
N ASN C 52 -16.87 19.14 14.93
CA ASN C 52 -18.27 19.13 14.52
C ASN C 52 -18.75 20.55 14.61
N GLU C 53 -19.63 20.93 13.68
CA GLU C 53 -20.16 22.27 13.66
C GLU C 53 -21.48 22.26 14.44
N ALA C 54 -21.52 23.01 15.54
CA ALA C 54 -22.71 23.17 16.39
C ALA C 54 -23.51 24.42 15.99
N ALA C 55 -24.66 24.61 16.62
CA ALA C 55 -25.55 25.71 16.28
C ALA C 55 -24.99 27.08 16.71
N GLY C 56 -25.12 28.07 15.83
CA GLY C 56 -24.72 29.44 16.12
C GLY C 56 -23.26 29.75 15.88
N ASN C 57 -22.70 29.19 14.80
CA ASN C 57 -21.31 29.44 14.38
C ASN C 57 -20.25 29.08 15.43
N LYS C 58 -20.39 27.87 15.96
CA LYS C 58 -19.43 27.29 16.92
C LYS C 58 -18.92 25.91 16.46
N TYR C 59 -17.75 25.54 16.97
CA TYR C 59 -17.08 24.31 16.61
C TYR C 59 -16.74 23.51 17.85
N VAL C 60 -16.94 22.19 17.79
CA VAL C 60 -16.68 21.31 18.93
C VAL C 60 -15.84 20.07 18.59
N PRO C 61 -14.77 19.82 19.35
CA PRO C 61 -13.87 18.68 19.04
C PRO C 61 -14.62 17.36 18.96
N ARG C 62 -14.30 16.55 17.95
CA ARG C 62 -14.84 15.20 17.84
C ARG C 62 -13.94 14.35 18.75
N ALA C 63 -14.11 14.62 20.04
CA ALA C 63 -13.25 14.04 21.09
C ALA C 63 -14.07 13.35 22.19
N ILE C 64 -13.60 12.19 22.61
CA ILE C 64 -14.19 11.44 23.70
C ILE C 64 -13.16 11.36 24.81
N LEU C 65 -13.56 11.74 26.02
CA LEU C 65 -12.67 11.78 27.18
C LEU C 65 -13.09 10.70 28.14
N VAL C 66 -12.16 9.79 28.42
CA VAL C 66 -12.41 8.59 29.25
C VAL C 66 -11.44 8.47 30.45
N ASP C 67 -12.00 8.18 31.62
CA ASP C 67 -11.20 7.91 32.81
C ASP C 67 -12.01 7.12 33.83
N LEU C 68 -11.33 6.30 34.62
CA LEU C 68 -12.00 5.55 35.66
C LEU C 68 -12.14 6.43 36.90
N GLU C 69 -11.43 7.56 36.92
CA GLU C 69 -11.55 8.54 37.99
C GLU C 69 -12.12 9.87 37.50
N PRO C 70 -12.96 10.55 38.31
CA PRO C 70 -13.67 11.78 37.88
C PRO C 70 -12.86 13.08 37.99
N GLY C 71 -11.86 13.04 38.85
CA GLY C 71 -11.05 14.20 39.17
C GLY C 71 -10.38 14.77 37.93
N THR C 72 -9.85 13.86 37.10
CA THR C 72 -9.18 14.20 35.86
C THR C 72 -10.11 14.99 34.96
N MET C 73 -11.37 14.52 34.85
CA MET C 73 -12.37 15.18 34.03
C MET C 73 -12.58 16.62 34.48
N ASP C 74 -12.71 16.76 35.79
CA ASP C 74 -12.90 18.09 36.41
C ASP C 74 -11.73 19.02 36.07
N SER C 75 -10.52 18.46 36.21
CA SER C 75 -9.28 19.17 35.94
C SER C 75 -9.26 19.66 34.50
N VAL C 76 -9.68 18.79 33.58
CA VAL C 76 -9.79 19.16 32.16
C VAL C 76 -10.82 20.27 31.89
N ARG C 77 -12.00 20.14 32.50
CA ARG C 77 -13.09 21.09 32.34
C ARG C 77 -12.71 22.48 32.88
N SER C 78 -11.90 22.51 33.95
CA SER C 78 -11.40 23.75 34.56
C SER C 78 -10.17 24.35 33.87
N GLY C 79 -9.58 23.59 32.95
CA GLY C 79 -8.40 24.02 32.19
C GLY C 79 -8.72 25.11 31.16
N PRO C 80 -7.68 25.74 30.57
CA PRO C 80 -7.91 26.67 29.45
C PRO C 80 -8.23 25.80 28.24
N PHE C 81 -9.41 25.99 27.67
CA PHE C 81 -9.98 25.16 26.57
C PHE C 81 -10.93 24.06 27.07
N GLY C 82 -10.98 23.82 28.39
CA GLY C 82 -11.93 22.88 29.01
C GLY C 82 -13.40 22.97 28.58
N GLN C 83 -13.89 24.20 28.34
CA GLN C 83 -15.27 24.48 27.97
C GLN C 83 -15.64 24.16 26.51
N ILE C 84 -14.63 23.97 25.64
CA ILE C 84 -14.84 23.63 24.21
C ILE C 84 -15.41 22.22 24.01
N PHE C 85 -15.12 21.31 24.94
CA PHE C 85 -15.52 19.90 24.82
C PHE C 85 -17.02 19.70 25.04
N ARG C 86 -17.60 18.71 24.35
CA ARG C 86 -19.03 18.40 24.50
C ARG C 86 -19.19 17.74 25.87
N PRO C 87 -20.07 18.27 26.73
CA PRO C 87 -20.28 17.66 28.08
C PRO C 87 -20.63 16.18 28.08
N ASP C 88 -21.45 15.77 27.11
CA ASP C 88 -21.87 14.37 26.94
C ASP C 88 -20.74 13.42 26.48
N ASN C 89 -19.59 13.98 26.04
CA ASN C 89 -18.44 13.19 25.59
C ASN C 89 -17.43 12.83 26.69
N PHE C 90 -17.68 13.32 27.91
CA PHE C 90 -16.91 12.94 29.09
C PHE C 90 -17.54 11.67 29.62
N VAL C 91 -16.80 10.56 29.60
CA VAL C 91 -17.27 9.28 30.14
C VAL C 91 -16.32 8.87 31.26
N PHE C 92 -16.80 8.98 32.50
CA PHE C 92 -15.96 8.71 33.65
C PHE C 92 -16.58 7.70 34.62
N GLY C 93 -15.70 6.91 35.24
CA GLY C 93 -16.07 6.00 36.31
C GLY C 93 -15.92 6.70 37.66
N GLN C 94 -16.09 5.97 38.74
CA GLN C 94 -15.92 6.56 40.08
C GLN C 94 -14.76 5.97 40.89
N SER C 95 -14.39 4.72 40.57
CA SER C 95 -13.45 3.91 41.37
C SER C 95 -11.95 4.14 41.14
N GLY C 96 -11.52 4.21 39.86
CA GLY C 96 -10.10 4.21 39.43
C GLY C 96 -9.64 2.78 39.19
N ALA C 97 -8.42 2.58 38.69
CA ALA C 97 -7.93 1.22 38.35
C ALA C 97 -6.78 0.75 39.23
N GLY C 98 -6.23 1.66 40.03
CA GLY C 98 -5.14 1.34 40.94
C GLY C 98 -3.91 0.70 40.31
N ASN C 99 -3.48 1.22 39.15
CA ASN C 99 -2.35 0.73 38.35
C ASN C 99 -2.46 -0.73 37.99
N ASN C 100 -3.70 -1.23 37.86
CA ASN C 100 -3.98 -2.62 37.57
C ASN C 100 -4.68 -2.74 36.20
N TRP C 101 -3.93 -3.31 35.23
CA TRP C 101 -4.41 -3.56 33.88
C TRP C 101 -5.71 -4.36 33.90
N ALA C 102 -5.81 -5.37 34.77
CA ALA C 102 -7.01 -6.22 34.92
C ALA C 102 -8.25 -5.42 35.31
N LYS C 103 -8.11 -4.46 36.23
CA LYS C 103 -9.24 -3.61 36.63
C LYS C 103 -9.73 -2.80 35.43
N GLY C 104 -8.77 -2.22 34.70
CA GLY C 104 -9.07 -1.44 33.52
C GLY C 104 -9.61 -2.25 32.36
N HIS C 105 -9.08 -3.44 32.12
CA HIS C 105 -9.51 -4.29 30.99
C HIS C 105 -10.72 -5.19 31.24
N TYR C 106 -10.82 -5.77 32.43
CA TYR C 106 -11.80 -6.82 32.72
C TYR C 106 -12.94 -6.40 33.64
N THR C 107 -12.62 -5.54 34.60
CA THR C 107 -13.61 -5.30 35.64
C THR C 107 -14.25 -3.92 35.55
N GLU C 108 -13.64 -2.91 36.19
CA GLU C 108 -14.21 -1.56 36.24
C GLU C 108 -14.38 -1.01 34.81
N GLY C 109 -13.31 -1.21 34.03
CA GLY C 109 -13.28 -0.75 32.66
C GLY C 109 -14.38 -1.38 31.86
N ALA C 110 -14.62 -2.68 32.05
CA ALA C 110 -15.69 -3.39 31.36
C ALA C 110 -17.04 -2.73 31.61
N GLU C 111 -17.29 -2.42 32.87
CA GLU C 111 -18.53 -1.79 33.28
C GLU C 111 -18.67 -0.42 32.62
N LEU C 112 -17.57 0.32 32.61
CA LEU C 112 -17.53 1.64 32.01
C LEU C 112 -17.83 1.56 30.49
N VAL C 113 -17.22 0.61 29.79
CA VAL C 113 -16.97 0.68 28.33
C VAL C 113 -18.17 0.86 27.41
N ASP C 114 -19.32 0.32 27.79
CA ASP C 114 -20.50 0.35 26.94
C ASP C 114 -20.92 1.77 26.67
N SER C 115 -20.88 2.63 27.69
CA SER C 115 -21.19 4.06 27.55
C SER C 115 -20.32 4.71 26.47
N VAL C 116 -19.03 4.42 26.59
CA VAL C 116 -18.01 4.95 25.67
C VAL C 116 -18.33 4.51 24.25
N LEU C 117 -18.64 3.22 24.12
CA LEU C 117 -18.96 2.61 22.84
C LEU C 117 -20.16 3.32 22.20
N ASP C 118 -21.17 3.55 23.03
CA ASP C 118 -22.39 4.23 22.60
C ASP C 118 -22.07 5.62 22.09
N VAL C 119 -21.21 6.34 22.82
CA VAL C 119 -20.83 7.69 22.45
C VAL C 119 -20.14 7.67 21.08
N VAL C 120 -19.16 6.79 20.98
CA VAL C 120 -18.30 6.79 19.79
C VAL C 120 -19.10 6.37 18.58
N ARG C 121 -20.03 5.42 18.72
CA ARG C 121 -20.97 5.06 17.62
C ARG C 121 -21.69 6.28 17.11
N LYS C 122 -22.22 7.09 18.02
CA LYS C 122 -22.94 8.30 17.66
C LYS C 122 -22.04 9.25 16.90
N GLU C 123 -20.81 9.39 17.42
CA GLU C 123 -19.82 10.27 16.82
C GLU C 123 -19.49 9.84 15.39
N SER C 124 -19.41 8.51 15.17
CA SER C 124 -19.23 7.89 13.85
C SER C 124 -20.40 8.15 12.88
N GLU C 125 -21.61 8.00 13.42
CA GLU C 125 -22.82 8.24 12.67
C GLU C 125 -22.88 9.69 12.18
N SER C 126 -22.49 10.62 13.07
CA SER C 126 -22.51 12.03 12.75
C SER C 126 -21.62 12.32 11.53
N CYS C 127 -20.42 11.73 11.53
CA CYS C 127 -19.44 12.00 10.47
C CYS C 127 -19.75 11.22 9.16
N ASP C 128 -19.59 11.96 8.07
CA ASP C 128 -20.01 11.52 6.74
C ASP C 128 -19.12 10.39 6.24
N CYS C 129 -17.80 10.49 6.49
CA CYS C 129 -16.85 9.45 6.10
C CYS C 129 -15.64 9.39 7.02
N LEU C 130 -15.81 8.74 8.18
CA LEU C 130 -14.74 8.62 9.20
C LEU C 130 -13.53 7.82 8.70
N GLN C 131 -12.36 8.45 8.64
CA GLN C 131 -11.17 7.73 8.15
C GLN C 131 -10.64 6.85 9.27
N GLY C 132 -10.70 7.32 10.52
CA GLY C 132 -10.39 6.45 11.63
C GLY C 132 -10.22 7.13 12.94
N PHE C 133 -9.45 6.49 13.81
CA PHE C 133 -9.37 6.78 15.25
C PHE C 133 -7.94 7.04 15.72
N GLN C 134 -7.82 7.96 16.69
CA GLN C 134 -6.56 8.33 17.34
C GLN C 134 -6.75 8.23 18.84
N LEU C 135 -6.02 7.33 19.49
CA LEU C 135 -6.12 7.13 20.94
C LEU C 135 -4.83 7.58 21.63
N THR C 136 -4.95 8.45 22.62
CA THR C 136 -3.79 8.96 23.36
C THR C 136 -3.85 8.39 24.78
N HIS C 137 -2.75 7.77 25.25
CA HIS C 137 -2.74 7.02 26.50
C HIS C 137 -1.34 6.56 26.86
N SER C 138 -1.24 5.75 27.89
CA SER C 138 0.04 5.21 28.34
C SER C 138 -0.16 3.71 28.59
N LEU C 139 0.94 2.98 28.68
CA LEU C 139 0.94 1.53 28.76
C LEU C 139 1.19 1.04 30.19
N GLY C 140 1.64 1.95 31.07
CA GLY C 140 2.20 1.61 32.39
C GLY C 140 1.22 1.52 33.55
N GLY C 141 0.08 2.21 33.41
CA GLY C 141 -0.94 2.24 34.44
C GLY C 141 -2.04 1.23 34.23
N GLY C 142 -3.21 1.53 34.74
CA GLY C 142 -4.36 0.64 34.61
C GLY C 142 -5.42 1.07 33.61
N THR C 143 -5.76 2.37 33.57
CA THR C 143 -6.88 2.86 32.77
C THR C 143 -6.50 2.94 31.30
N GLY C 144 -5.58 3.86 31.01
CA GLY C 144 -5.08 4.06 29.65
C GLY C 144 -4.68 2.73 29.02
N SER C 145 -4.00 1.88 29.78
CA SER C 145 -3.51 0.58 29.29
C SER C 145 -4.60 -0.48 29.16
N GLY C 146 -5.21 -0.88 30.27
CA GLY C 146 -6.26 -1.91 30.29
C GLY C 146 -7.57 -1.46 29.65
N MET C 147 -8.09 -0.33 30.12
CA MET C 147 -9.37 0.16 29.61
C MET C 147 -9.19 0.57 28.14
N GLY C 148 -8.06 1.22 27.86
CA GLY C 148 -7.77 1.73 26.52
C GLY C 148 -7.74 0.61 25.49
N THR C 149 -7.01 -0.44 25.84
CA THR C 149 -6.87 -1.64 25.04
C THR C 149 -8.24 -2.26 24.77
N LEU C 150 -9.04 -2.34 25.82
CA LEU C 150 -10.38 -2.92 25.72
C LEU C 150 -11.22 -2.14 24.69
N LEU C 151 -11.14 -0.82 24.84
CA LEU C 151 -11.87 0.09 23.96
C LEU C 151 -11.45 -0.12 22.51
N ILE C 152 -10.14 -0.23 22.31
CA ILE C 152 -9.58 -0.41 20.97
C ILE C 152 -10.09 -1.69 20.35
N SER C 153 -10.12 -2.75 21.15
CA SER C 153 -10.60 -4.05 20.67
C SER C 153 -12.06 -3.93 20.18
N LYS C 154 -12.86 -3.25 21.00
CA LYS C 154 -14.26 -3.07 20.67
C LYS C 154 -14.43 -2.29 19.38
N ILE C 155 -13.61 -1.25 19.24
CA ILE C 155 -13.70 -0.33 18.10
C ILE C 155 -13.39 -1.08 16.83
N ARG C 156 -12.26 -1.80 16.86
CA ARG C 156 -11.80 -2.54 15.68
C ARG C 156 -12.80 -3.57 15.24
N GLU C 157 -13.48 -4.22 16.21
CA GLU C 157 -14.52 -5.18 15.89
C GLU C 157 -15.66 -4.58 15.06
N GLU C 158 -16.03 -3.35 15.39
CA GLU C 158 -17.11 -2.64 14.70
C GLU C 158 -16.63 -1.86 13.46
N TYR C 159 -15.35 -1.50 13.41
CA TYR C 159 -14.76 -0.74 12.29
C TYR C 159 -13.48 -1.43 11.84
N PRO C 160 -13.58 -2.66 11.33
CA PRO C 160 -12.37 -3.42 10.94
C PRO C 160 -11.61 -2.84 9.73
N ASP C 161 -12.27 -1.99 8.92
CA ASP C 161 -11.71 -1.41 7.71
C ASP C 161 -11.21 0.03 7.91
N ARG C 162 -11.23 0.52 9.16
CA ARG C 162 -10.85 1.92 9.43
C ARG C 162 -9.48 1.98 10.09
N ILE C 163 -8.84 3.14 9.99
CA ILE C 163 -7.44 3.27 10.42
C ILE C 163 -7.34 3.48 11.94
N MET C 164 -6.47 2.74 12.62
CA MET C 164 -6.45 2.71 14.07
C MET C 164 -5.07 3.16 14.47
N ASN C 165 -5.00 4.38 15.03
CA ASN C 165 -3.76 5.05 15.43
C ASN C 165 -3.70 5.27 16.93
N THR C 166 -2.55 4.92 17.52
CA THR C 166 -2.32 5.18 18.95
C THR C 166 -1.02 5.95 19.21
N PHE C 167 -1.07 6.85 20.20
CA PHE C 167 0.04 7.63 20.64
C PHE C 167 0.17 7.19 22.08
N SER C 168 1.17 6.34 22.25
CA SER C 168 1.35 5.53 23.44
C SER C 168 2.57 5.98 24.19
N VAL C 169 2.40 6.53 25.40
CA VAL C 169 3.61 6.89 26.18
C VAL C 169 4.15 5.71 27.01
N VAL C 170 5.37 5.29 26.67
CA VAL C 170 5.89 3.99 27.04
C VAL C 170 6.77 4.14 28.26
N PRO C 171 6.90 3.06 29.05
CA PRO C 171 7.78 3.11 30.20
C PRO C 171 9.25 3.10 29.81
N SER C 172 10.01 4.07 30.33
CA SER C 172 11.44 4.18 30.06
C SER C 172 12.20 3.21 30.96
N PRO C 173 13.50 2.94 30.65
CA PRO C 173 14.26 2.03 31.51
C PRO C 173 14.64 2.60 32.88
N LYS C 174 15.31 3.75 32.88
CA LYS C 174 15.85 4.34 34.11
C LYS C 174 14.76 4.97 34.97
N VAL C 175 14.00 5.89 34.36
CA VAL C 175 12.89 6.55 35.04
C VAL C 175 11.69 5.59 35.07
N SER C 176 11.70 4.69 36.07
CA SER C 176 10.57 3.81 36.33
C SER C 176 9.68 4.48 37.37
N ASP C 177 8.46 4.83 36.97
CA ASP C 177 7.54 5.56 37.84
C ASP C 177 6.80 4.62 38.79
N THR C 178 6.47 3.41 38.33
CA THR C 178 5.71 2.43 39.12
C THR C 178 6.44 1.09 39.19
N VAL C 179 5.90 0.18 40.00
CA VAL C 179 6.50 -1.14 40.27
C VAL C 179 5.95 -2.20 39.32
N VAL C 180 4.63 -2.17 39.07
CA VAL C 180 3.98 -3.13 38.14
C VAL C 180 3.95 -2.69 36.66
N GLU C 181 4.71 -1.65 36.30
CA GLU C 181 4.74 -1.06 34.97
C GLU C 181 5.04 -2.09 33.92
N PRO C 182 6.05 -2.97 34.18
CA PRO C 182 6.38 -4.05 33.26
C PRO C 182 5.17 -4.90 32.89
N TYR C 183 4.33 -5.21 33.89
CA TYR C 183 3.18 -6.08 33.68
C TYR C 183 2.17 -5.40 32.75
N ASN C 184 1.83 -4.17 33.13
CA ASN C 184 0.84 -3.38 32.42
C ASN C 184 1.25 -3.13 30.98
N ALA C 185 2.52 -2.80 30.79
CA ALA C 185 3.05 -2.56 29.45
C ALA C 185 2.97 -3.82 28.63
N THR C 186 3.35 -4.94 29.24
CA THR C 186 3.46 -6.22 28.49
C THR C 186 2.09 -6.61 27.97
N LEU C 187 1.13 -6.55 28.90
CA LEU C 187 -0.24 -6.95 28.60
C LEU C 187 -0.82 -6.09 27.50
N SER C 188 -0.56 -4.77 27.56
CA SER C 188 -1.14 -3.83 26.62
C SER C 188 -0.49 -3.86 25.24
N VAL C 189 0.85 -3.97 25.21
CA VAL C 189 1.62 -4.09 24.00
C VAL C 189 1.14 -5.24 23.14
N HIS C 190 0.89 -6.38 23.77
CA HIS C 190 0.35 -7.56 23.10
C HIS C 190 -0.94 -7.23 22.34
N GLN C 191 -1.82 -6.57 23.06
CA GLN C 191 -3.12 -6.24 22.47
C GLN C 191 -2.96 -5.26 21.31
N LEU C 192 -2.06 -4.30 21.50
CA LEU C 192 -1.75 -3.31 20.47
C LEU C 192 -1.22 -3.96 19.20
N VAL C 193 -0.42 -5.02 19.37
CA VAL C 193 0.17 -5.75 18.26
C VAL C 193 -0.88 -6.21 17.26
N GLU C 194 -2.00 -6.72 17.77
CA GLU C 194 -3.05 -7.25 16.93
C GLU C 194 -4.08 -6.23 16.47
N ASN C 195 -4.32 -5.15 17.23
CA ASN C 195 -5.41 -4.22 16.96
C ASN C 195 -5.10 -2.79 16.51
N THR C 196 -3.84 -2.36 16.53
CA THR C 196 -3.53 -1.02 15.98
C THR C 196 -2.86 -1.14 14.62
N ASP C 197 -3.09 -0.18 13.72
CA ASP C 197 -2.46 -0.16 12.41
C ASP C 197 -1.16 0.61 12.47
N GLU C 198 -1.08 1.64 13.32
CA GLU C 198 0.16 2.37 13.59
C GLU C 198 0.21 2.89 15.02
N THR C 199 1.38 2.70 15.66
CA THR C 199 1.58 3.01 17.08
C THR C 199 2.81 3.92 17.22
N TYR C 200 2.58 5.11 17.78
CA TYR C 200 3.66 6.09 17.92
C TYR C 200 4.23 5.91 19.31
N CYS C 201 5.45 5.37 19.38
CA CYS C 201 6.09 5.07 20.66
C CYS C 201 6.74 6.33 21.24
N ILE C 202 6.06 6.97 22.17
CA ILE C 202 6.63 8.15 22.82
C ILE C 202 7.14 7.84 24.22
N ASP C 203 8.37 8.32 24.51
CA ASP C 203 9.05 8.02 25.77
C ASP C 203 9.51 9.26 26.57
N ASN C 204 9.10 9.24 27.84
CA ASN C 204 9.29 10.38 28.76
C ASN C 204 10.75 10.73 28.95
N GLU C 205 11.59 9.71 29.00
CA GLU C 205 13.02 9.91 29.21
C GLU C 205 13.62 10.70 28.05
N ALA C 206 13.23 10.27 26.84
CA ALA C 206 13.70 10.91 25.61
C ALA C 206 13.23 12.37 25.59
N LEU C 207 11.97 12.59 25.99
CA LEU C 207 11.42 13.93 26.05
C LEU C 207 12.24 14.83 26.98
N TYR C 208 12.57 14.28 28.13
CA TYR C 208 13.38 14.98 29.14
C TYR C 208 14.72 15.36 28.56
N ASP C 209 15.33 14.41 27.86
CA ASP C 209 16.64 14.62 27.21
C ASP C 209 16.55 15.76 26.22
N ILE C 210 15.49 15.76 25.43
CA ILE C 210 15.24 16.80 24.42
C ILE C 210 15.17 18.18 25.12
N CYS C 211 14.40 18.20 26.19
CA CYS C 211 14.13 19.43 26.92
C CYS C 211 15.38 20.01 27.57
N PHE C 212 16.10 19.11 28.25
CA PHE C 212 17.35 19.45 28.94
C PHE C 212 18.47 19.79 27.96
N ARG C 213 18.81 18.87 27.06
CA ARG C 213 19.94 19.03 26.14
C ARG C 213 19.71 19.99 24.96
N THR C 214 18.59 19.85 24.26
CA THR C 214 18.32 20.59 23.03
C THR C 214 17.63 21.93 23.29
N LEU C 215 16.56 21.94 24.10
CA LEU C 215 15.90 23.22 24.40
C LEU C 215 16.62 24.05 25.47
N LYS C 216 17.53 23.39 26.20
CA LYS C 216 18.26 23.93 27.38
C LYS C 216 17.34 24.46 28.48
N LEU C 217 16.21 23.75 28.70
CA LEU C 217 15.12 24.32 29.53
C LEU C 217 15.36 24.09 31.03
N THR C 218 15.36 25.18 31.78
CA THR C 218 15.76 25.19 33.19
C THR C 218 14.92 24.22 34.03
N THR C 219 13.60 24.23 33.83
CA THR C 219 12.65 23.41 34.60
C THR C 219 11.58 22.94 33.64
N PRO C 220 11.65 21.67 33.20
CA PRO C 220 10.59 21.14 32.37
C PRO C 220 9.42 20.76 33.29
N THR C 221 8.20 21.13 32.89
CA THR C 221 6.97 20.58 33.48
C THR C 221 6.35 19.61 32.48
N TYR C 222 5.44 18.75 32.93
CA TYR C 222 4.76 17.80 32.06
C TYR C 222 4.08 18.50 30.89
N GLY C 223 3.57 19.71 31.12
CA GLY C 223 2.93 20.52 30.10
C GLY C 223 3.88 20.75 28.93
N ASP C 224 5.11 21.12 29.27
CA ASP C 224 6.15 21.38 28.26
C ASP C 224 6.40 20.15 27.43
N LEU C 225 6.55 19.03 28.13
CA LEU C 225 6.77 17.72 27.49
C LEU C 225 5.63 17.38 26.55
N ASN C 226 4.42 17.59 27.09
CA ASN C 226 3.20 17.31 26.35
C ASN C 226 3.12 18.11 25.07
N HIS C 227 3.59 19.37 25.12
CA HIS C 227 3.61 20.26 23.98
C HIS C 227 4.33 19.64 22.79
N LEU C 228 5.49 19.05 23.06
CA LEU C 228 6.27 18.38 22.03
C LEU C 228 5.46 17.28 21.31
N VAL C 229 4.82 16.48 22.15
CA VAL C 229 4.00 15.38 21.68
C VAL C 229 2.86 15.90 20.79
N SER C 230 2.23 16.98 21.27
CA SER C 230 1.14 17.64 20.57
C SER C 230 1.59 18.09 19.19
N ALA C 231 2.78 18.69 19.14
CA ALA C 231 3.35 19.19 17.88
C ALA C 231 3.47 18.06 16.86
N THR C 232 4.02 16.94 17.36
CA THR C 232 4.22 15.74 16.55
C THR C 232 2.90 15.25 15.99
N MET C 233 1.90 15.21 16.88
CA MET C 233 0.56 14.76 16.52
C MET C 233 -0.02 15.63 15.41
N SER C 234 0.16 16.94 15.56
CA SER C 234 -0.33 17.92 14.60
C SER C 234 0.32 17.69 13.24
N GLY C 235 1.62 17.44 13.26
CA GLY C 235 2.41 17.16 12.07
C GLY C 235 1.91 16.07 11.14
N VAL C 236 1.57 14.92 11.72
CA VAL C 236 1.12 13.75 10.98
C VAL C 236 -0.10 14.08 10.11
N THR C 237 -1.07 14.82 10.67
CA THR C 237 -2.38 15.03 10.03
C THR C 237 -2.53 16.40 9.34
N THR C 238 -1.44 17.16 9.26
CA THR C 238 -1.38 18.43 8.54
C THR C 238 -1.88 18.32 7.09
N CYS C 239 -1.54 17.23 6.38
CA CYS C 239 -2.02 16.94 5.04
C CYS C 239 -3.54 16.79 4.90
N LEU C 240 -4.23 16.38 5.96
CA LEU C 240 -5.70 16.28 5.95
C LEU C 240 -6.38 17.62 6.14
N ARG C 241 -5.69 18.55 6.83
CA ARG C 241 -6.20 19.88 7.23
C ARG C 241 -5.85 21.04 6.30
N PHE C 242 -4.84 20.89 5.46
CA PHE C 242 -4.41 22.02 4.63
C PHE C 242 -4.14 21.56 3.22
N PRO C 243 -4.00 22.50 2.27
CA PRO C 243 -3.51 22.14 0.94
C PRO C 243 -2.02 21.87 1.02
N GLY C 244 -1.47 21.43 -0.10
CA GLY C 244 -0.02 21.24 -0.25
C GLY C 244 0.41 20.96 -1.67
N GLN C 245 1.72 20.76 -1.83
CA GLN C 245 2.36 20.38 -3.11
C GLN C 245 2.48 18.88 -3.31
N LEU C 246 2.74 18.16 -2.22
CA LEU C 246 2.65 16.70 -2.19
C LEU C 246 1.94 16.31 -0.89
N ASN C 247 0.82 15.59 -1.01
CA ASN C 247 -0.09 15.34 0.12
C ASN C 247 -0.16 13.87 0.52
N ALA C 248 0.03 13.60 1.81
CA ALA C 248 -0.02 12.24 2.33
C ALA C 248 -0.77 12.20 3.66
N ASP C 249 -1.85 11.40 3.73
CA ASP C 249 -2.72 11.29 4.92
C ASP C 249 -2.32 10.06 5.74
N LEU C 250 -3.16 9.62 6.68
CA LEU C 250 -2.81 8.57 7.62
C LEU C 250 -2.60 7.21 6.96
N ARG C 251 -3.42 6.94 5.95
CA ARG C 251 -3.39 5.69 5.21
C ARG C 251 -2.14 5.57 4.33
N LYS C 252 -1.90 6.62 3.54
CA LYS C 252 -0.75 6.72 2.67
C LYS C 252 0.54 6.54 3.46
N LEU C 253 0.61 7.14 4.64
CA LEU C 253 1.78 7.02 5.50
C LEU C 253 1.97 5.59 5.96
N ALA C 254 0.88 4.96 6.44
CA ALA C 254 0.95 3.57 6.89
C ALA C 254 1.42 2.62 5.80
N VAL C 255 0.83 2.76 4.60
CA VAL C 255 1.15 1.89 3.48
C VAL C 255 2.61 1.98 3.06
N ASN C 256 3.18 3.19 3.15
CA ASN C 256 4.59 3.42 2.82
C ASN C 256 5.57 3.05 3.92
N MET C 257 5.11 3.04 5.16
CA MET C 257 5.97 2.81 6.31
C MET C 257 5.88 1.45 6.96
N VAL C 258 4.80 0.70 6.71
CA VAL C 258 4.60 -0.65 7.26
C VAL C 258 4.73 -1.78 6.19
N PRO C 259 5.94 -2.37 6.05
CA PRO C 259 6.15 -3.42 5.05
C PRO C 259 5.60 -4.80 5.45
N PHE C 260 5.47 -5.04 6.76
CA PHE C 260 4.96 -6.30 7.30
C PHE C 260 3.96 -5.92 8.40
N PRO C 261 2.84 -6.65 8.48
CA PRO C 261 1.71 -6.30 9.37
C PRO C 261 2.07 -5.91 10.80
N ARG C 262 2.89 -6.72 11.45
CA ARG C 262 3.21 -6.53 12.86
C ARG C 262 4.16 -5.34 13.13
N LEU C 263 4.94 -4.94 12.13
CA LEU C 263 5.96 -3.94 12.34
C LEU C 263 5.43 -2.51 12.16
N HIS C 264 4.63 -2.07 13.12
CA HIS C 264 3.93 -0.78 13.01
C HIS C 264 4.17 0.11 14.22
N PHE C 265 5.38 0.03 14.78
CA PHE C 265 5.75 0.79 15.98
C PHE C 265 6.74 1.88 15.61
N PHE C 266 6.31 3.13 15.62
CA PHE C 266 7.16 4.18 15.10
C PHE C 266 7.92 4.90 16.20
N MET C 267 9.11 5.36 15.84
CA MET C 267 9.81 6.35 16.66
C MET C 267 9.61 7.72 16.03
N PRO C 268 8.75 8.55 16.63
CA PRO C 268 8.51 9.86 16.04
C PRO C 268 9.54 10.90 16.44
N GLY C 269 9.61 11.96 15.67
CA GLY C 269 10.54 13.04 15.91
C GLY C 269 10.01 14.34 15.39
N PHE C 270 10.54 15.44 15.92
CA PHE C 270 10.16 16.80 15.50
C PHE C 270 11.35 17.74 15.36
N ALA C 271 11.23 18.68 14.42
CA ALA C 271 12.25 19.70 14.16
C ALA C 271 11.66 20.90 13.43
N PRO C 272 12.10 22.12 13.77
CA PRO C 272 13.25 22.51 14.58
C PRO C 272 12.98 22.72 16.09
N LEU C 273 14.04 22.56 16.87
CA LEU C 273 14.00 22.71 18.32
C LEU C 273 15.25 23.46 18.76
N THR C 274 15.05 24.68 19.23
CA THR C 274 16.14 25.56 19.67
C THR C 274 15.75 26.27 20.97
N SER C 275 16.77 26.78 21.67
CA SER C 275 16.54 27.61 22.85
C SER C 275 16.22 29.05 22.43
N ARG C 276 16.08 29.93 23.42
CA ARG C 276 15.90 31.37 23.16
C ARG C 276 17.21 32.00 22.70
N GLY C 277 18.31 31.62 23.35
CA GLY C 277 19.64 32.12 23.02
C GLY C 277 20.13 31.67 21.66
N SER C 278 20.01 30.38 21.36
CA SER C 278 20.48 29.80 20.10
C SER C 278 19.57 30.05 18.89
N GLN C 279 18.51 30.85 19.05
CA GLN C 279 17.60 31.22 17.95
C GLN C 279 18.28 32.11 16.90
N GLN C 280 19.12 33.04 17.35
CA GLN C 280 19.78 34.01 16.46
C GLN C 280 20.89 33.40 15.62
N TYR C 281 21.60 32.41 16.17
CA TYR C 281 22.78 31.83 15.54
C TYR C 281 22.44 30.56 14.73
N ARG C 282 21.41 30.66 13.89
CA ARG C 282 20.94 29.52 13.09
C ARG C 282 20.38 29.91 11.73
N ALA C 283 20.42 28.94 10.81
CA ALA C 283 19.92 29.08 9.45
C ALA C 283 18.54 28.41 9.34
N LEU C 284 17.54 29.20 8.98
CA LEU C 284 16.18 28.70 8.77
C LEU C 284 16.08 28.13 7.35
N THR C 285 16.58 26.91 7.19
CA THR C 285 16.66 26.27 5.87
C THR C 285 16.52 24.75 5.97
N VAL C 286 16.15 24.16 4.84
CA VAL C 286 15.74 22.76 4.75
C VAL C 286 16.89 21.83 5.14
N PRO C 287 18.12 22.16 4.70
CA PRO C 287 19.26 21.37 5.09
C PRO C 287 19.45 21.23 6.58
N GLU C 288 19.20 22.31 7.32
CA GLU C 288 19.34 22.35 8.76
C GLU C 288 18.27 21.52 9.45
N LEU C 289 17.03 21.67 8.99
CA LEU C 289 15.89 20.89 9.49
C LEU C 289 16.16 19.40 9.34
N THR C 290 16.61 19.05 8.14
CA THR C 290 16.93 17.65 7.79
C THR C 290 17.98 17.10 8.73
N GLN C 291 19.02 17.91 8.93
CA GLN C 291 20.14 17.56 9.81
C GLN C 291 19.63 17.27 11.22
N GLN C 292 18.77 18.16 11.70
CA GLN C 292 18.22 18.05 13.03
C GLN C 292 17.42 16.75 13.17
N MET C 293 16.60 16.48 12.15
CA MET C 293 15.56 15.45 12.32
C MET C 293 16.20 14.09 12.44
N PHE C 294 17.22 13.85 11.61
CA PHE C 294 17.85 12.53 11.51
C PHE C 294 18.81 12.22 12.65
N ASP C 295 19.18 13.21 13.46
CA ASP C 295 20.04 12.99 14.62
C ASP C 295 19.38 12.08 15.66
N ALA C 296 20.19 11.22 16.27
CA ALA C 296 19.72 10.23 17.25
C ALA C 296 19.14 10.90 18.51
N LYS C 297 19.81 11.98 18.92
CA LYS C 297 19.43 12.74 20.11
C LYS C 297 18.19 13.59 19.93
N ASN C 298 17.57 13.63 18.73
CA ASN C 298 16.29 14.28 18.48
C ASN C 298 15.08 13.32 18.40
N MET C 299 15.29 12.04 18.72
CA MET C 299 14.22 11.05 18.75
C MET C 299 13.51 11.08 20.10
N MET C 300 12.18 10.97 20.03
CA MET C 300 11.28 11.01 21.20
C MET C 300 11.04 9.61 21.78
N ALA C 301 11.80 8.61 21.30
CA ALA C 301 11.82 7.27 21.85
C ALA C 301 13.24 7.03 22.36
N ALA C 302 13.38 6.44 23.55
CA ALA C 302 14.73 6.19 24.15
C ALA C 302 15.43 4.95 23.54
N CYS C 303 15.76 5.08 22.27
CA CYS C 303 16.37 4.00 21.49
C CYS C 303 17.42 4.65 20.63
N ASP C 304 18.54 3.97 20.42
CA ASP C 304 19.62 4.54 19.62
C ASP C 304 19.39 4.10 18.18
N PRO C 305 19.06 5.01 17.22
CA PRO C 305 18.90 4.58 15.83
C PRO C 305 20.17 3.97 15.26
N ARG C 306 21.32 4.32 15.82
CA ARG C 306 22.61 3.78 15.38
C ARG C 306 22.85 2.34 15.85
N HIS C 307 21.94 1.80 16.68
CA HIS C 307 21.98 0.41 17.15
C HIS C 307 21.19 -0.52 16.23
N GLY C 308 20.53 0.06 15.24
CA GLY C 308 19.73 -0.71 14.30
C GLY C 308 19.84 -0.15 12.89
N ARG C 309 18.78 -0.39 12.10
CA ARG C 309 18.59 0.15 10.77
C ARG C 309 17.17 0.69 10.66
N TYR C 310 17.04 1.72 9.83
CA TYR C 310 15.74 2.23 9.42
C TYR C 310 15.17 1.32 8.33
N LEU C 311 13.96 0.79 8.56
CA LEU C 311 13.23 0.03 7.57
C LEU C 311 12.59 1.01 6.61
N THR C 312 11.91 2.00 7.18
CA THR C 312 11.30 3.11 6.41
C THR C 312 11.25 4.35 7.28
N VAL C 313 11.32 5.49 6.63
CA VAL C 313 11.17 6.77 7.32
C VAL C 313 10.31 7.68 6.48
N ALA C 314 9.32 8.33 7.11
CA ALA C 314 8.45 9.31 6.50
C ALA C 314 8.79 10.66 7.10
N ALA C 315 9.02 11.63 6.21
CA ALA C 315 9.27 13.02 6.59
C ALA C 315 8.13 13.90 6.10
N VAL C 316 7.59 14.71 7.02
CA VAL C 316 6.48 15.60 6.68
C VAL C 316 6.92 17.05 6.95
N PHE C 317 6.93 17.85 5.88
CA PHE C 317 7.49 19.18 5.88
C PHE C 317 6.34 20.16 5.79
N ARG C 318 6.44 21.25 6.54
CA ARG C 318 5.43 22.30 6.55
C ARG C 318 6.10 23.65 6.30
N GLY C 319 5.56 24.41 5.36
CA GLY C 319 6.07 25.72 4.97
C GLY C 319 6.32 25.78 3.48
N ARG C 320 6.68 26.97 2.97
CA ARG C 320 6.97 27.14 1.55
C ARG C 320 8.40 26.66 1.27
N MET C 321 8.52 25.55 0.53
CA MET C 321 9.80 24.89 0.32
C MET C 321 9.93 24.46 -1.12
N SER C 322 11.16 24.44 -1.62
CA SER C 322 11.48 23.87 -2.93
C SER C 322 11.57 22.35 -2.83
N MET C 323 10.79 21.67 -3.67
CA MET C 323 10.73 20.21 -3.72
C MET C 323 12.08 19.60 -4.03
N LYS C 324 12.80 20.24 -4.96
CA LYS C 324 14.12 19.76 -5.39
C LYS C 324 15.06 19.73 -4.20
N GLU C 325 15.05 20.83 -3.45
CA GLU C 325 15.93 20.97 -2.28
C GLU C 325 15.62 19.87 -1.27
N VAL C 326 14.33 19.63 -1.05
CA VAL C 326 13.87 18.59 -0.13
C VAL C 326 14.37 17.21 -0.56
N ASP C 327 14.28 16.96 -1.85
CA ASP C 327 14.65 15.67 -2.44
C ASP C 327 16.15 15.42 -2.35
N GLU C 328 16.91 16.46 -2.61
CA GLU C 328 18.37 16.42 -2.55
C GLU C 328 18.83 16.00 -1.16
N GLN C 329 18.26 16.68 -0.18
CA GLN C 329 18.61 16.50 1.24
C GLN C 329 18.33 15.10 1.75
N MET C 330 17.20 14.54 1.34
CA MET C 330 16.81 13.17 1.71
C MET C 330 17.67 12.12 1.02
N LEU C 331 18.04 12.34 -0.26
CA LEU C 331 18.94 11.44 -0.98
C LEU C 331 20.35 11.45 -0.36
N ASN C 332 20.81 12.64 0.01
CA ASN C 332 22.12 12.83 0.63
C ASN C 332 22.27 12.06 1.93
N VAL C 333 21.25 12.16 2.79
CA VAL C 333 21.19 11.47 4.08
C VAL C 333 21.25 9.97 3.96
N GLN C 334 20.58 9.39 2.97
CA GLN C 334 20.60 7.95 2.69
C GLN C 334 21.88 7.43 2.06
N ASN C 335 22.54 8.27 1.25
CA ASN C 335 23.80 7.94 0.63
C ASN C 335 24.96 8.01 1.61
N LYS C 336 24.98 9.07 2.43
CA LYS C 336 26.01 9.30 3.43
C LYS C 336 25.91 8.33 4.62
N ASN C 337 24.69 8.01 5.01
CA ASN C 337 24.44 7.12 6.16
C ASN C 337 23.88 5.79 5.72
N SER C 338 24.39 5.27 4.59
CA SER C 338 24.01 3.98 3.98
C SER C 338 23.81 2.84 4.97
N SER C 339 24.75 2.73 5.90
CA SER C 339 24.75 1.70 6.94
C SER C 339 23.57 1.75 7.92
N TYR C 340 22.84 2.87 8.00
CA TYR C 340 21.70 2.95 8.94
C TYR C 340 20.33 2.63 8.29
N PHE C 341 20.36 2.24 7.01
CA PHE C 341 19.15 2.01 6.22
C PHE C 341 19.21 0.62 5.66
N VAL C 342 18.12 -0.12 5.74
CA VAL C 342 18.07 -1.46 5.17
C VAL C 342 18.27 -1.37 3.64
N GLU C 343 19.16 -2.21 3.09
CA GLU C 343 19.63 -2.09 1.70
C GLU C 343 18.67 -2.74 0.71
N TRP C 344 17.75 -3.57 1.19
CA TRP C 344 16.81 -4.30 0.31
C TRP C 344 15.45 -3.59 0.13
N ILE C 345 15.32 -2.35 0.63
CA ILE C 345 14.18 -1.49 0.33
C ILE C 345 14.79 -0.21 -0.24
N PRO C 346 14.99 -0.13 -1.58
CA PRO C 346 15.56 1.10 -2.17
C PRO C 346 14.63 2.31 -1.99
N ASN C 347 15.21 3.51 -1.86
CA ASN C 347 14.51 4.71 -1.37
C ASN C 347 13.69 4.46 -0.10
N ASN C 348 14.40 4.32 1.02
CA ASN C 348 13.78 4.12 2.33
C ASN C 348 12.96 5.32 2.86
N VAL C 349 13.01 6.46 2.12
CA VAL C 349 12.40 7.70 2.51
C VAL C 349 11.14 8.03 1.69
N LYS C 350 10.06 8.33 2.41
CA LYS C 350 8.81 8.93 1.89
C LYS C 350 8.73 10.42 2.32
N THR C 351 8.39 11.30 1.39
CA THR C 351 8.30 12.75 1.64
C THR C 351 6.88 13.29 1.42
N ALA C 352 6.42 14.17 2.30
CA ALA C 352 5.16 14.90 2.11
C ALA C 352 5.37 16.35 2.49
N VAL C 353 4.72 17.27 1.80
CA VAL C 353 4.91 18.72 2.01
C VAL C 353 3.55 19.42 2.09
N CYS C 354 3.31 20.16 3.16
CA CYS C 354 2.13 21.02 3.30
C CYS C 354 2.55 22.47 3.32
N ASP C 355 1.89 23.28 2.50
CA ASP C 355 2.21 24.69 2.30
C ASP C 355 2.03 25.57 3.55
N ILE C 356 1.08 25.19 4.42
CA ILE C 356 0.76 25.95 5.63
C ILE C 356 1.70 25.55 6.81
N PRO C 357 2.58 26.49 7.21
CA PRO C 357 3.50 26.21 8.33
C PRO C 357 2.80 26.34 9.68
N PRO C 358 3.38 25.76 10.76
CA PRO C 358 2.79 25.98 12.09
C PRO C 358 2.97 27.43 12.53
N ARG C 359 2.22 27.90 13.54
CA ARG C 359 2.32 29.32 13.95
C ARG C 359 3.67 29.63 14.60
N GLY C 360 4.19 30.83 14.29
CA GLY C 360 5.48 31.28 14.79
C GLY C 360 6.68 30.89 13.94
N LEU C 361 6.52 29.86 13.10
CA LEU C 361 7.61 29.30 12.31
C LEU C 361 7.27 29.35 10.81
N LYS C 362 8.32 29.54 9.98
CA LYS C 362 8.21 29.66 8.55
C LYS C 362 8.38 28.27 7.93
N MET C 363 9.20 27.45 8.61
CA MET C 363 9.42 26.06 8.23
C MET C 363 9.49 25.12 9.42
N SER C 364 8.91 23.93 9.24
CA SER C 364 8.86 22.89 10.29
C SER C 364 8.83 21.49 9.70
N ALA C 365 9.14 20.50 10.52
CA ALA C 365 9.25 19.13 10.05
C ALA C 365 8.81 18.15 11.12
N THR C 366 8.23 17.06 10.64
CA THR C 366 7.86 15.93 11.47
C THR C 366 8.41 14.67 10.85
N PHE C 367 8.96 13.84 11.72
CA PHE C 367 9.68 12.63 11.35
C PHE C 367 8.93 11.42 11.90
N ILE C 368 8.79 10.38 11.10
CA ILE C 368 8.27 9.09 11.58
C ILE C 368 9.22 7.99 11.11
N GLY C 369 9.87 7.29 12.01
CA GLY C 369 10.81 6.26 11.62
C GLY C 369 10.41 4.88 12.10
N ASN C 370 10.51 3.88 11.22
CA ASN C 370 10.34 2.49 11.59
C ASN C 370 11.76 1.95 11.63
N SER C 371 12.31 1.94 12.85
CA SER C 371 13.69 1.51 13.12
C SER C 371 13.76 0.18 13.86
N THR C 372 14.69 -0.67 13.46
CA THR C 372 14.87 -1.96 14.12
C THR C 372 15.35 -1.80 15.57
N ALA C 373 15.83 -0.61 15.97
CA ALA C 373 16.27 -0.29 17.35
C ALA C 373 15.13 -0.31 18.37
N ILE C 374 13.89 -0.20 17.91
CA ILE C 374 12.70 -0.28 18.79
C ILE C 374 12.67 -1.60 19.57
N GLN C 375 13.35 -2.63 19.04
CA GLN C 375 13.48 -3.94 19.73
C GLN C 375 14.04 -3.79 21.14
N GLU C 376 14.87 -2.76 21.34
CA GLU C 376 15.50 -2.55 22.64
C GLU C 376 14.44 -2.27 23.69
N LEU C 377 13.45 -1.46 23.31
CA LEU C 377 12.35 -1.08 24.19
C LEU C 377 11.59 -2.34 24.58
N PHE C 378 11.31 -3.19 23.60
CA PHE C 378 10.53 -4.39 23.90
C PHE C 378 11.36 -5.33 24.77
N LYS C 379 12.66 -5.42 24.48
CA LYS C 379 13.51 -6.45 25.09
C LYS C 379 13.66 -6.23 26.58
N ARG C 380 13.91 -4.96 26.92
CA ARG C 380 14.04 -4.54 28.32
C ARG C 380 12.79 -4.90 29.12
N ILE C 381 11.65 -4.55 28.53
CA ILE C 381 10.34 -4.79 29.13
C ILE C 381 10.15 -6.28 29.38
N SER C 382 10.50 -7.07 28.37
CA SER C 382 10.40 -8.54 28.43
C SER C 382 11.21 -9.07 29.61
N GLU C 383 12.44 -8.56 29.69
CA GLU C 383 13.39 -8.96 30.73
C GLU C 383 12.80 -8.67 32.12
N GLN C 384 12.25 -7.47 32.24
CA GLN C 384 11.71 -7.03 33.53
C GLN C 384 10.53 -7.93 33.91
N PHE C 385 9.69 -8.24 32.92
CA PHE C 385 8.52 -9.11 33.12
C PHE C 385 8.98 -10.46 33.62
N THR C 386 10.02 -10.99 32.98
CA THR C 386 10.57 -12.30 33.35
C THR C 386 11.03 -12.30 34.80
N ALA C 387 11.73 -11.22 35.14
CA ALA C 387 12.28 -11.03 36.49
C ALA C 387 11.14 -11.04 37.51
N MET C 388 10.06 -10.33 37.20
CA MET C 388 8.91 -10.36 38.11
C MET C 388 8.29 -11.76 38.16
N PHE C 389 7.91 -12.24 36.97
CA PHE C 389 7.07 -13.43 36.77
C PHE C 389 7.67 -14.73 37.29
N ARG C 390 9.01 -14.87 37.16
CA ARG C 390 9.78 -16.02 37.66
C ARG C 390 9.52 -16.26 39.17
N ARG C 391 9.33 -15.16 39.92
CA ARG C 391 9.02 -15.27 41.37
C ARG C 391 7.55 -14.99 41.68
N LYS C 392 6.71 -14.88 40.64
CA LYS C 392 5.26 -14.63 40.74
C LYS C 392 4.95 -13.37 41.56
N ALA C 393 5.85 -12.38 41.51
CA ALA C 393 5.72 -11.13 42.30
C ALA C 393 4.52 -10.30 41.84
N PHE C 394 3.70 -9.83 42.78
CA PHE C 394 2.51 -9.00 42.53
C PHE C 394 1.41 -9.68 41.70
N LEU C 395 1.53 -10.99 41.47
CA LEU C 395 0.60 -11.70 40.58
C LEU C 395 -0.80 -11.76 41.19
N HIS C 396 -0.83 -11.92 42.52
CA HIS C 396 -2.05 -12.18 43.25
C HIS C 396 -3.12 -11.14 42.98
N TRP C 397 -2.72 -9.87 42.91
CA TRP C 397 -3.65 -8.76 42.69
C TRP C 397 -4.38 -8.95 41.37
N TYR C 398 -3.56 -9.24 40.35
CA TYR C 398 -4.08 -9.42 38.98
C TYR C 398 -5.04 -10.58 38.95
N THR C 399 -4.66 -11.67 39.62
CA THR C 399 -5.48 -12.88 39.64
C THR C 399 -6.82 -12.65 40.36
N GLY C 400 -6.78 -11.81 41.40
CA GLY C 400 -7.96 -11.39 42.14
C GLY C 400 -8.95 -10.63 41.27
N GLU C 401 -8.51 -10.09 40.13
CA GLU C 401 -9.39 -9.40 39.18
C GLU C 401 -9.88 -10.33 38.06
N GLY C 402 -9.63 -11.63 38.21
CA GLY C 402 -10.09 -12.63 37.27
C GLY C 402 -9.05 -13.10 36.27
N MET C 403 -7.88 -12.46 36.24
CA MET C 403 -6.83 -12.81 35.26
C MET C 403 -6.13 -14.12 35.61
N ASP C 404 -5.69 -14.84 34.58
CA ASP C 404 -5.07 -16.14 34.73
C ASP C 404 -3.60 -15.99 34.32
N GLU C 405 -2.73 -16.84 34.87
CA GLU C 405 -1.28 -16.80 34.63
C GLU C 405 -0.95 -16.99 33.15
N MET C 406 -1.74 -17.86 32.50
CA MET C 406 -1.54 -18.25 31.12
C MET C 406 -1.55 -17.07 30.17
N GLU C 407 -2.38 -16.06 30.44
CA GLU C 407 -2.38 -14.83 29.64
C GLU C 407 -1.02 -14.18 29.62
N PHE C 408 -0.40 -14.11 30.81
CA PHE C 408 0.92 -13.52 30.99
C PHE C 408 1.94 -14.26 30.14
N THR C 409 1.86 -15.59 30.19
CA THR C 409 2.75 -16.47 29.43
C THR C 409 2.63 -16.19 27.94
N GLU C 410 1.37 -16.07 27.51
CA GLU C 410 1.06 -15.80 26.10
C GLU C 410 1.65 -14.47 25.64
N ALA C 411 1.36 -13.40 26.40
CA ALA C 411 1.78 -12.06 26.06
C ALA C 411 3.30 -11.98 25.92
N GLU C 412 3.96 -12.56 26.89
CA GLU C 412 5.43 -12.58 26.94
C GLU C 412 5.97 -13.29 25.71
N SER C 413 5.36 -14.42 25.37
CA SER C 413 5.75 -15.19 24.19
C SER C 413 5.64 -14.33 22.92
N ASN C 414 4.51 -13.65 22.83
CA ASN C 414 4.13 -12.84 21.69
C ASN C 414 5.17 -11.74 21.46
N MET C 415 5.46 -11.06 22.57
CA MET C 415 6.42 -9.96 22.56
C MET C 415 7.79 -10.46 22.12
N ASN C 416 8.19 -11.63 22.64
CA ASN C 416 9.46 -12.24 22.29
C ASN C 416 9.54 -12.50 20.78
N ASP C 417 8.45 -13.04 20.26
CA ASP C 417 8.33 -13.34 18.83
C ASP C 417 8.53 -12.09 18.00
N LEU C 418 7.85 -11.03 18.45
CA LEU C 418 7.90 -9.72 17.78
C LEU C 418 9.33 -9.21 17.73
N VAL C 419 10.00 -9.34 18.88
CA VAL C 419 11.39 -8.89 19.02
C VAL C 419 12.27 -9.63 18.02
N SER C 420 12.07 -10.95 17.97
CA SER C 420 12.83 -11.82 17.08
C SER C 420 12.65 -11.39 15.63
N GLU C 421 11.39 -11.11 15.28
CA GLU C 421 11.05 -10.74 13.91
C GLU C 421 11.76 -9.45 13.53
N TYR C 422 11.78 -8.48 14.44
CA TYR C 422 12.49 -7.22 14.17
C TYR C 422 13.97 -7.46 13.89
N GLN C 423 14.54 -8.30 14.75
CA GLN C 423 15.97 -8.61 14.69
C GLN C 423 16.33 -9.25 13.35
N GLN C 424 15.48 -10.18 12.90
CA GLN C 424 15.77 -10.94 11.72
C GLN C 424 15.71 -10.05 10.50
N TYR C 425 14.72 -9.16 10.43
CA TYR C 425 14.62 -8.22 9.30
C TYR C 425 15.70 -7.14 9.31
N GLN C 426 16.27 -6.85 10.49
CA GLN C 426 17.56 -6.11 10.54
C GLN C 426 18.64 -6.91 9.78
PG GTP D . -2.57 8.91 -4.53
O1G GTP D . -2.33 10.19 -3.76
O2G GTP D . -4.05 8.61 -4.63
O3G GTP D . -1.75 7.72 -4.11
O3B GTP D . -2.13 9.09 -6.05
PB GTP D . -1.79 10.52 -6.68
O1B GTP D . -2.55 11.69 -6.09
O2B GTP D . -1.97 10.37 -8.17
O3A GTP D . -0.24 10.66 -6.29
PA GTP D . 0.76 11.72 -6.96
O1A GTP D . 1.07 12.73 -5.87
O2A GTP D . 0.21 12.27 -8.25
O5' GTP D . 2.01 10.76 -7.23
C5' GTP D . 3.33 10.93 -6.73
C4' GTP D . 4.23 11.08 -7.94
O4' GTP D . 3.87 12.26 -8.66
C3' GTP D . 5.68 11.28 -7.56
O3' GTP D . 6.51 10.71 -8.57
C2' GTP D . 5.82 12.80 -7.49
O2' GTP D . 7.18 13.24 -7.67
C1' GTP D . 4.95 13.21 -8.64
N9 GTP D . 4.38 14.56 -8.47
C8 GTP D . 3.51 15.01 -7.56
N7 GTP D . 3.19 16.30 -7.81
C5 GTP D . 3.83 16.68 -8.93
C6 GTP D . 3.94 17.90 -9.77
O6 GTP D . 3.33 18.93 -9.47
N1 GTP D . 4.72 17.84 -10.85
C2 GTP D . 5.41 16.74 -11.20
N2 GTP D . 6.19 16.75 -12.31
N3 GTP D . 5.35 15.60 -10.48
C4 GTP D . 4.59 15.52 -9.37
MG MG E . -3.01 12.06 -4.28
PG G2P F . -4.66 4.70 36.82
O1G G2P F . -6.11 4.43 37.12
O2G G2P F . -4.14 5.99 37.43
O3G G2P F . -3.74 3.52 37.05
O3B G2P F . -4.63 4.86 35.22
PB G2P F . -3.96 6.14 34.53
O1B G2P F . -4.16 6.02 33.06
O2B G2P F . -4.55 7.43 35.29
C3A G2P F . -2.18 5.96 34.80
PA G2P F . -1.32 7.50 34.37
O1A G2P F . -1.86 7.97 33.07
O2A G2P F . -1.56 8.68 35.43
O5' G2P F . 0.22 7.15 34.06
C5' G2P F . 1.40 7.40 34.84
C4' G2P F . 2.47 7.13 33.79
O4' G2P F . 2.41 8.05 32.69
C3' G2P F . 3.90 7.44 34.20
O3' G2P F . 4.90 6.80 33.39
C2' G2P F . 3.90 8.96 34.22
O2' G2P F . 5.27 9.26 34.50
C1' G2P F . 3.34 9.15 32.82
N9 G2P F . 2.66 10.47 32.77
C8 G2P F . 1.73 10.98 33.60
N7 G2P F . 1.35 12.23 33.19
C5 G2P F . 2.04 12.53 32.08
C6 G2P F . 2.14 13.68 31.14
O6 G2P F . 1.45 14.71 31.29
N1 G2P F . 3.00 13.57 30.11
C2 G2P F . 3.77 12.47 29.91
N2 G2P F . 4.61 12.44 28.86
N3 G2P F . 3.72 11.40 30.74
C4 G2P F . 2.90 11.37 31.82
MG MG G . -5.49 8.13 37.09
#